data_3ZK5
#
_entry.id   3ZK5
#
_cell.length_a   60.419
_cell.length_b   92.376
_cell.length_c   69.251
_cell.angle_alpha   90.00
_cell.angle_beta   90.31
_cell.angle_gamma   90.00
#
_symmetry.space_group_name_H-M   'P 1 21 1'
#
loop_
_entity.id
_entity.type
_entity.pdbx_description
1 polymer 'CYTOCHROME P450 HYDROXYLASE PIKC'
2 non-polymer 'PROTOPORPHYRIN IX CONTAINING FE'
3 non-polymer '(3R,4S,5S,7R,9E,11R,12R)-12-ethyl-3,5,7,11-tetramethyl-2,8-dioxooxacyclododec-9-en-4-yl N,N-dimethylglycinate'
4 water water
#
_entity_poly.entity_id   1
_entity_poly.type   'polypeptide(L)'
_entity_poly.pdbx_seq_one_letter_code
;MGSSHHHHHHSSGLVPRGSHMRRTQQGTTASPPVLDLGALGQDFAADPYPTYARLRAEGPAHRVRTPEGNEVWLVVGYDR
ARAVLADPRFSKDWRNSTTPLTEAEAALNHNMLESDPPRHTRLRKLVAREFTMRRVELLRPRVQEIVDGLVDAMLAAPDG
RADLMESLAWPLPITVISELLGVPEPDRAAFRVWTDAFVFPDDPAQAQTAMAEMSGYLSRLIDSKRGQDGEDLLSALVRT
SDEDGSRLTSEELLGMAHILLVAGHETTVNLIANGMYALLSHPDQLAALRADMTLLDGAVEEMLRYEGPVESATYRFPVE
PVDLDGTVIPAGDTVLVVLADAHRTPERFPDPHRFDIRRDTAGHLAFGHGIHFCIGAPLARLEARIAVRALLERCPDLAL
DVSPGELVWYPNPMIRGLKALPIRWRRGREAGRRTG
;
_entity_poly.pdbx_strand_id   A,B
#
# COMPACT_ATOMS: atom_id res chain seq x y z
N ALA A 30 -28.24 -0.32 -31.36
CA ALA A 30 -27.65 0.36 -30.16
C ALA A 30 -27.95 -0.36 -28.82
N SER A 31 -27.45 -1.60 -28.67
CA SER A 31 -27.80 -2.50 -27.54
C SER A 31 -26.62 -3.35 -27.00
N PRO A 32 -25.80 -3.96 -27.90
CA PRO A 32 -24.49 -4.35 -27.38
C PRO A 32 -23.60 -3.10 -27.22
N PRO A 33 -22.54 -3.15 -26.39
CA PRO A 33 -21.78 -1.92 -26.25
C PRO A 33 -20.95 -1.67 -27.49
N VAL A 34 -20.75 -0.39 -27.79
CA VAL A 34 -19.83 -0.03 -28.90
C VAL A 34 -18.36 -0.02 -28.48
N LEU A 35 -18.11 -0.06 -27.17
CA LEU A 35 -16.78 0.05 -26.61
C LEU A 35 -16.71 -0.62 -25.26
N ASP A 36 -15.65 -1.37 -25.02
CA ASP A 36 -15.42 -1.94 -23.70
C ASP A 36 -14.28 -1.13 -23.02
N LEU A 37 -14.63 -0.26 -22.08
CA LEU A 37 -13.54 0.61 -21.51
C LEU A 37 -12.49 -0.20 -20.71
N GLY A 38 -12.89 -1.38 -20.25
CA GLY A 38 -11.95 -2.26 -19.53
C GLY A 38 -10.84 -2.64 -20.47
N ALA A 39 -11.23 -2.97 -21.69
CA ALA A 39 -10.30 -3.42 -22.71
C ALA A 39 -9.23 -2.40 -23.08
N LEU A 40 -9.49 -1.09 -22.84
CA LEU A 40 -8.56 -0.05 -23.25
C LEU A 40 -7.38 0.09 -22.25
N GLY A 41 -7.50 -0.58 -21.12
CA GLY A 41 -6.39 -0.70 -20.18
C GLY A 41 -6.04 0.57 -19.47
N GLN A 42 -4.77 0.71 -19.03
CA GLN A 42 -4.38 1.86 -18.18
C GLN A 42 -4.21 3.16 -18.98
N ASP A 43 -4.15 3.08 -20.32
CA ASP A 43 -4.03 4.34 -21.09
C ASP A 43 -5.31 5.16 -21.05
N PHE A 44 -6.44 4.47 -21.10
CA PHE A 44 -7.76 5.03 -20.80
C PHE A 44 -7.88 5.56 -19.36
N ALA A 45 -7.53 4.76 -18.35
CA ALA A 45 -7.42 5.28 -16.95
C ALA A 45 -6.67 6.60 -16.81
N ALA A 46 -5.39 6.61 -17.21
CA ALA A 46 -4.53 7.79 -17.21
C ALA A 46 -5.09 8.96 -18.02
N ASP A 47 -5.65 8.69 -19.19
CA ASP A 47 -6.11 9.76 -20.05
C ASP A 47 -7.40 9.38 -20.78
N PRO A 48 -8.58 9.53 -20.11
CA PRO A 48 -9.82 9.09 -20.80
C PRO A 48 -10.40 10.10 -21.76
N TYR A 49 -9.85 11.29 -21.83
CA TYR A 49 -10.61 12.36 -22.50
C TYR A 49 -10.67 12.20 -24.02
N PRO A 50 -9.61 11.66 -24.65
CA PRO A 50 -9.67 11.40 -26.11
C PRO A 50 -10.80 10.40 -26.41
N THR A 51 -11.00 9.43 -25.54
CA THR A 51 -12.12 8.50 -25.81
C THR A 51 -13.48 9.24 -25.80
N TYR A 52 -13.75 10.00 -24.74
CA TYR A 52 -15.04 10.65 -24.65
C TYR A 52 -15.29 11.68 -25.79
N ALA A 53 -14.22 12.39 -26.18
CA ALA A 53 -14.32 13.48 -27.16
C ALA A 53 -14.54 12.82 -28.52
N ARG A 54 -13.88 11.68 -28.76
CA ARG A 54 -14.22 10.84 -29.96
C ARG A 54 -15.68 10.44 -29.98
N LEU A 55 -16.24 9.96 -28.87
CA LEU A 55 -17.68 9.69 -28.79
C LEU A 55 -18.51 10.95 -29.09
N ARG A 56 -18.19 12.06 -28.41
CA ARG A 56 -18.98 13.28 -28.57
C ARG A 56 -19.18 13.66 -30.02
N ALA A 57 -18.12 13.49 -30.80
CA ALA A 57 -18.04 13.89 -32.21
C ALA A 57 -18.99 13.02 -33.05
N GLU A 58 -19.39 11.89 -32.48
CA GLU A 58 -20.33 10.99 -33.12
C GLU A 58 -21.76 11.25 -32.66
N GLY A 59 -21.95 11.57 -31.37
CA GLY A 59 -23.25 11.94 -30.85
C GLY A 59 -23.25 12.06 -29.33
N PRO A 60 -24.43 12.34 -28.74
CA PRO A 60 -24.67 12.62 -27.32
C PRO A 60 -24.68 11.39 -26.38
N ALA A 61 -24.96 10.19 -26.88
CA ALA A 61 -25.24 9.01 -26.01
C ALA A 61 -24.66 7.77 -26.67
N HIS A 62 -24.04 6.88 -25.90
CA HIS A 62 -23.34 5.71 -26.40
C HIS A 62 -23.40 4.58 -25.37
N ARG A 63 -23.73 3.39 -25.84
CA ARG A 63 -23.70 2.17 -25.04
C ARG A 63 -22.24 1.69 -24.82
N VAL A 64 -21.81 1.57 -23.57
CA VAL A 64 -20.50 1.02 -23.29
C VAL A 64 -20.50 0.00 -22.22
N ARG A 65 -19.40 -0.77 -22.17
CA ARG A 65 -19.20 -1.69 -21.05
C ARG A 65 -18.14 -1.03 -20.22
N THR A 66 -18.34 -0.96 -18.91
CA THR A 66 -17.35 -0.24 -18.08
C THR A 66 -16.31 -1.31 -17.67
N PRO A 67 -15.14 -0.87 -17.16
CA PRO A 67 -14.07 -1.77 -16.73
C PRO A 67 -14.49 -2.72 -15.65
N GLU A 68 -15.52 -2.37 -14.90
CA GLU A 68 -15.95 -3.30 -13.89
C GLU A 68 -16.97 -4.32 -14.46
N GLY A 69 -17.43 -4.08 -15.69
CA GLY A 69 -18.29 -5.05 -16.36
C GLY A 69 -19.73 -4.62 -16.55
N ASN A 70 -20.05 -3.41 -16.11
CA ASN A 70 -21.44 -2.92 -16.26
C ASN A 70 -21.73 -2.40 -17.67
N GLU A 71 -22.92 -2.73 -18.20
CA GLU A 71 -23.32 -2.17 -19.49
C GLU A 71 -24.25 -1.00 -19.25
N VAL A 72 -23.84 0.18 -19.76
CA VAL A 72 -24.46 1.47 -19.39
C VAL A 72 -24.45 2.39 -20.60
N TRP A 73 -25.08 3.58 -20.51
CA TRP A 73 -24.99 4.60 -21.58
C TRP A 73 -24.17 5.75 -21.02
N LEU A 74 -23.23 6.30 -21.80
CA LEU A 74 -22.53 7.52 -21.41
C LEU A 74 -23.24 8.72 -22.04
N VAL A 75 -23.39 9.83 -21.31
CA VAL A 75 -23.90 11.04 -21.99
C VAL A 75 -22.79 12.02 -22.02
N VAL A 76 -22.46 12.53 -23.21
CA VAL A 76 -21.29 13.42 -23.45
C VAL A 76 -21.70 14.76 -24.06
N GLY A 77 -20.81 15.75 -23.98
CA GLY A 77 -21.03 17.13 -24.42
C GLY A 77 -21.67 17.98 -23.33
N TYR A 78 -21.18 19.22 -23.17
CA TYR A 78 -21.62 20.05 -22.05
C TYR A 78 -23.14 20.33 -22.04
N ASP A 79 -23.73 20.80 -23.15
CA ASP A 79 -25.18 21.19 -23.04
C ASP A 79 -26.09 20.00 -22.70
N ARG A 80 -25.88 18.86 -23.37
CA ARG A 80 -26.69 17.65 -23.10
C ARG A 80 -26.48 17.17 -21.66
N ALA A 81 -25.24 17.22 -21.18
CA ALA A 81 -24.91 16.77 -19.79
C ALA A 81 -25.64 17.58 -18.71
N ARG A 82 -25.59 18.90 -18.91
CA ARG A 82 -26.22 19.84 -18.04
C ARG A 82 -27.71 19.54 -18.05
N ALA A 83 -28.28 19.42 -19.25
CA ALA A 83 -29.71 19.15 -19.36
C ALA A 83 -30.08 17.80 -18.76
N VAL A 84 -29.27 16.76 -18.92
CA VAL A 84 -29.71 15.45 -18.39
C VAL A 84 -29.65 15.51 -16.88
N LEU A 85 -28.62 16.16 -16.33
CA LEU A 85 -28.50 16.26 -14.85
C LEU A 85 -29.75 16.83 -14.20
N ALA A 86 -30.41 17.76 -14.89
CA ALA A 86 -31.51 18.54 -14.33
C ALA A 86 -32.89 17.90 -14.58
N ASP A 87 -32.90 16.99 -15.55
CA ASP A 87 -34.10 16.53 -16.22
C ASP A 87 -34.83 15.50 -15.38
N PRO A 88 -36.09 15.79 -15.01
CA PRO A 88 -36.78 14.84 -14.18
C PRO A 88 -37.23 13.61 -14.95
N ARG A 89 -37.19 13.63 -16.27
CA ARG A 89 -37.36 12.32 -16.95
C ARG A 89 -36.32 11.31 -16.47
N PHE A 90 -35.14 11.78 -16.06
CA PHE A 90 -34.11 10.83 -15.51
C PHE A 90 -34.16 10.63 -13.99
N SER A 91 -34.80 9.54 -13.58
CA SER A 91 -34.92 9.22 -12.18
C SER A 91 -33.56 8.73 -11.61
N LYS A 92 -33.41 8.87 -10.28
CA LYS A 92 -32.30 8.23 -9.63
C LYS A 92 -32.81 7.07 -8.75
N ASP A 93 -34.13 6.81 -8.75
CA ASP A 93 -34.72 5.77 -7.88
C ASP A 93 -34.59 4.37 -8.57
N TRP A 94 -33.90 3.45 -7.92
CA TRP A 94 -33.77 2.07 -8.40
C TRP A 94 -35.04 1.31 -8.77
N ARG A 95 -36.20 1.71 -8.26
CA ARG A 95 -37.40 1.02 -8.69
C ARG A 95 -37.63 1.34 -10.19
N ASN A 96 -36.90 2.34 -10.69
CA ASN A 96 -36.99 2.71 -12.11
C ASN A 96 -35.87 2.08 -12.92
N SER A 97 -35.02 1.30 -12.28
CA SER A 97 -33.94 0.69 -13.00
C SER A 97 -34.30 -0.75 -13.44
N THR A 98 -34.00 -1.07 -14.69
CA THR A 98 -34.22 -2.48 -15.12
C THR A 98 -33.18 -3.39 -14.49
N THR A 99 -31.95 -2.90 -14.31
CA THR A 99 -30.93 -3.62 -13.55
C THR A 99 -31.24 -3.66 -12.04
N PRO A 100 -31.44 -4.86 -11.49
CA PRO A 100 -31.76 -4.75 -10.04
C PRO A 100 -30.52 -4.48 -9.16
N LEU A 101 -30.76 -4.00 -7.95
CA LEU A 101 -29.71 -3.84 -6.97
C LEU A 101 -29.25 -5.23 -6.53
N THR A 102 -27.96 -5.37 -6.31
CA THR A 102 -27.48 -6.55 -5.60
C THR A 102 -27.88 -6.46 -4.13
N GLU A 103 -27.74 -7.58 -3.43
CA GLU A 103 -28.11 -7.67 -2.04
C GLU A 103 -27.45 -6.63 -1.14
N ALA A 104 -26.13 -6.49 -1.27
CA ALA A 104 -25.39 -5.51 -0.46
C ALA A 104 -25.80 -4.04 -0.80
N GLU A 105 -26.04 -3.76 -2.08
CA GLU A 105 -26.40 -2.42 -2.55
C GLU A 105 -27.80 -2.06 -2.06
N ALA A 106 -28.73 -3.03 -2.07
CA ALA A 106 -30.10 -2.87 -1.54
C ALA A 106 -30.21 -2.56 -0.04
N ALA A 107 -29.12 -2.80 0.71
CA ALA A 107 -29.01 -2.31 2.09
C ALA A 107 -28.90 -0.76 2.25
N LEU A 108 -28.49 -0.06 1.19
CA LEU A 108 -27.86 1.22 1.31
C LEU A 108 -28.44 2.28 0.41
N ASN A 109 -29.40 1.87 -0.42
CA ASN A 109 -29.87 2.73 -1.48
C ASN A 109 -30.93 3.70 -1.04
N HIS A 110 -31.40 3.61 0.21
CA HIS A 110 -32.50 4.49 0.61
C HIS A 110 -31.88 5.81 1.11
N ASN A 111 -31.19 6.48 0.19
CA ASN A 111 -30.44 7.67 0.45
C ASN A 111 -30.94 8.75 -0.54
N MET A 112 -30.70 10.01 -0.20
CA MET A 112 -31.20 11.12 -1.04
C MET A 112 -30.71 11.12 -2.52
N LEU A 113 -29.43 10.77 -2.74
CA LEU A 113 -28.89 10.73 -4.08
C LEU A 113 -29.49 9.67 -4.99
N GLU A 114 -30.05 8.61 -4.39
CA GLU A 114 -30.76 7.56 -5.05
C GLU A 114 -32.27 7.56 -4.77
N SER A 115 -32.82 8.79 -4.74
CA SER A 115 -34.23 9.06 -4.61
C SER A 115 -34.61 10.22 -5.54
N ASP A 116 -35.91 10.28 -5.80
CA ASP A 116 -36.54 11.40 -6.45
C ASP A 116 -37.50 12.00 -5.38
N PRO A 117 -38.00 13.20 -5.63
CA PRO A 117 -39.06 13.76 -4.80
C PRO A 117 -40.29 12.84 -4.85
N PRO A 118 -41.02 12.71 -3.72
CA PRO A 118 -40.87 13.38 -2.45
C PRO A 118 -39.78 12.89 -1.47
N ARG A 119 -39.30 11.63 -1.64
CA ARG A 119 -38.36 11.09 -0.71
C ARG A 119 -37.08 11.88 -0.67
N HIS A 120 -36.54 12.22 -1.84
CA HIS A 120 -35.35 13.09 -1.89
C HIS A 120 -35.57 14.37 -1.07
N THR A 121 -36.79 14.90 -1.12
CA THR A 121 -37.03 16.25 -0.58
C THR A 121 -36.99 16.16 0.93
N ARG A 122 -37.65 15.14 1.46
CA ARG A 122 -37.69 14.89 2.92
C ARG A 122 -36.32 14.57 3.44
N LEU A 123 -35.55 13.73 2.70
CA LEU A 123 -34.25 13.33 3.22
C LEU A 123 -33.21 14.48 3.22
N ARG A 124 -33.19 15.28 2.18
CA ARG A 124 -32.24 16.38 2.18
C ARG A 124 -32.60 17.39 3.32
N LYS A 125 -33.89 17.60 3.60
CA LYS A 125 -34.31 18.52 4.70
C LYS A 125 -33.79 18.15 6.05
N LEU A 126 -33.56 16.85 6.24
CA LEU A 126 -33.06 16.37 7.55
C LEU A 126 -31.64 16.85 7.91
N VAL A 127 -30.79 17.06 6.90
CA VAL A 127 -29.39 17.43 7.11
C VAL A 127 -28.94 18.78 6.47
N ALA A 128 -29.88 19.48 5.84
CA ALA A 128 -29.60 20.71 5.10
C ALA A 128 -28.85 21.80 5.93
N ARG A 129 -29.43 22.12 7.09
CA ARG A 129 -28.91 23.02 8.15
C ARG A 129 -27.43 22.82 8.50
N GLU A 130 -26.99 21.56 8.42
CA GLU A 130 -25.66 21.13 8.82
C GLU A 130 -24.60 21.58 7.84
N PHE A 131 -25.01 21.77 6.58
CA PHE A 131 -24.02 21.86 5.52
C PHE A 131 -24.10 23.17 4.78
N THR A 132 -24.85 24.13 5.32
CA THR A 132 -24.80 25.47 4.71
C THR A 132 -23.40 26.09 4.84
N MET A 133 -23.09 27.04 3.96
CA MET A 133 -21.81 27.77 3.98
C MET A 133 -21.49 28.33 5.38
N ARG A 134 -22.54 28.86 6.03
CA ARG A 134 -22.37 29.64 7.22
C ARG A 134 -22.22 28.70 8.44
N ARG A 135 -22.80 27.51 8.37
CA ARG A 135 -22.56 26.53 9.45
C ARG A 135 -21.20 25.85 9.30
N VAL A 136 -20.75 25.71 8.07
CA VAL A 136 -19.52 24.98 7.78
C VAL A 136 -18.35 25.92 8.11
N GLU A 137 -18.58 27.22 7.90
CA GLU A 137 -17.61 28.24 8.26
C GLU A 137 -17.21 28.13 9.76
N LEU A 138 -18.11 27.70 10.63
CA LEU A 138 -17.76 27.50 12.04
C LEU A 138 -16.72 26.38 12.29
N LEU A 139 -16.45 25.57 11.27
CA LEU A 139 -15.54 24.46 11.38
C LEU A 139 -14.17 24.90 10.90
N ARG A 140 -14.04 26.20 10.56
CA ARG A 140 -12.77 26.66 10.00
C ARG A 140 -11.58 26.43 10.93
N PRO A 141 -11.72 26.81 12.23
CA PRO A 141 -10.54 26.68 13.15
C PRO A 141 -10.08 25.23 13.24
N ARG A 142 -11.01 24.29 13.30
CA ARG A 142 -10.65 22.90 13.46
C ARG A 142 -10.06 22.31 12.14
N VAL A 143 -10.67 22.66 11.01
CA VAL A 143 -10.11 22.25 9.69
C VAL A 143 -8.70 22.79 9.51
N GLN A 144 -8.51 24.07 9.80
CA GLN A 144 -7.21 24.70 9.75
C GLN A 144 -6.28 23.95 10.69
N GLU A 145 -6.74 23.69 11.90
CA GLU A 145 -5.93 22.88 12.86
C GLU A 145 -5.44 21.51 12.35
N ILE A 146 -6.36 20.74 11.79
CA ILE A 146 -6.02 19.44 11.10
C ILE A 146 -4.97 19.58 10.02
N VAL A 147 -5.25 20.47 9.08
CA VAL A 147 -4.32 20.70 7.96
C VAL A 147 -2.89 21.08 8.47
N ASP A 148 -2.86 21.99 9.46
CA ASP A 148 -1.59 22.55 10.00
C ASP A 148 -0.74 21.46 10.64
N GLY A 149 -1.37 20.58 11.44
CA GLY A 149 -0.65 19.44 12.01
C GLY A 149 -0.20 18.46 10.93
N LEU A 150 -1.09 18.18 9.98
CA LEU A 150 -0.71 17.30 8.81
C LEU A 150 0.50 17.75 8.01
N VAL A 151 0.52 19.02 7.67
CA VAL A 151 1.58 19.64 6.86
C VAL A 151 2.86 19.69 7.71
N ASP A 152 2.70 19.96 9.01
CA ASP A 152 3.79 19.93 10.04
C ASP A 152 4.46 18.53 10.03
N ALA A 153 3.66 17.48 10.20
CA ALA A 153 4.23 16.10 10.15
C ALA A 153 4.87 15.74 8.81
N MET A 154 4.16 16.04 7.71
CA MET A 154 4.76 15.86 6.39
C MET A 154 6.12 16.55 6.25
N LEU A 155 6.20 17.79 6.71
CA LEU A 155 7.40 18.56 6.45
C LEU A 155 8.61 18.16 7.30
N ALA A 156 8.38 17.27 8.26
CA ALA A 156 9.41 16.71 9.08
C ALA A 156 10.35 15.81 8.25
N ALA A 157 9.90 15.31 7.07
CA ALA A 157 10.72 14.37 6.26
C ALA A 157 12.10 15.00 5.93
N PRO A 158 13.21 14.42 6.44
CA PRO A 158 14.51 15.12 6.29
C PRO A 158 15.00 15.18 4.86
N ASP A 159 14.59 14.22 4.04
CA ASP A 159 14.97 14.31 2.63
C ASP A 159 14.15 15.33 1.84
N GLY A 160 13.01 15.77 2.39
CA GLY A 160 12.20 16.76 1.67
C GLY A 160 11.24 16.13 0.64
N ARG A 161 10.89 14.90 0.89
CA ARG A 161 10.08 14.10 -0.03
C ARG A 161 9.06 13.31 0.75
N ALA A 162 7.83 13.42 0.33
CA ALA A 162 6.77 12.59 0.87
C ALA A 162 5.70 12.34 -0.19
N ASP A 163 4.70 11.59 0.21
CA ASP A 163 3.55 11.29 -0.62
C ASP A 163 2.42 12.17 -0.13
N LEU A 164 1.96 13.09 -1.01
CA LEU A 164 0.91 14.06 -0.63
C LEU A 164 -0.49 13.36 -0.36
N MET A 165 -0.73 12.23 -1.02
CA MET A 165 -1.96 11.44 -0.80
C MET A 165 -1.98 10.88 0.63
N GLU A 166 -0.87 10.28 1.00
CA GLU A 166 -0.73 9.69 2.31
C GLU A 166 -0.76 10.72 3.42
N SER A 167 -0.03 11.82 3.22
CA SER A 167 0.23 12.84 4.24
C SER A 167 -0.91 13.87 4.41
N LEU A 168 -1.67 14.09 3.36
CA LEU A 168 -2.65 15.19 3.42
C LEU A 168 -4.00 14.82 2.87
N ALA A 169 -4.02 14.45 1.60
CA ALA A 169 -5.26 14.34 0.90
C ALA A 169 -6.19 13.28 1.46
N TRP A 170 -5.65 12.13 1.89
CA TRP A 170 -6.46 11.11 2.54
C TRP A 170 -6.84 11.48 3.97
N PRO A 171 -5.84 11.82 4.82
CA PRO A 171 -6.18 12.00 6.26
C PRO A 171 -7.11 13.20 6.53
N LEU A 172 -7.01 14.28 5.79
CA LEU A 172 -7.82 15.43 6.12
C LEU A 172 -9.36 15.18 6.01
N PRO A 173 -9.88 14.73 4.84
CA PRO A 173 -11.37 14.66 4.78
C PRO A 173 -11.99 13.61 5.66
N ILE A 174 -11.34 12.47 5.79
CA ILE A 174 -11.84 11.43 6.69
C ILE A 174 -11.92 11.89 8.15
N THR A 175 -10.94 12.65 8.59
CA THR A 175 -10.98 13.29 9.92
C THR A 175 -12.14 14.23 10.12
N VAL A 176 -12.33 15.15 9.17
CA VAL A 176 -13.37 16.12 9.29
C VAL A 176 -14.75 15.47 9.29
N ILE A 177 -15.02 14.60 8.34
CA ILE A 177 -16.36 13.99 8.24
C ILE A 177 -16.64 13.03 9.43
N SER A 178 -15.62 12.30 9.85
CA SER A 178 -15.78 11.39 10.99
C SER A 178 -16.13 12.17 12.28
N GLU A 179 -15.50 13.33 12.52
CA GLU A 179 -15.84 14.14 13.71
C GLU A 179 -17.28 14.67 13.60
N LEU A 180 -17.66 15.16 12.40
CA LEU A 180 -19.03 15.54 12.19
C LEU A 180 -20.03 14.42 12.54
N LEU A 181 -19.82 13.22 12.00
CA LEU A 181 -20.78 12.12 12.19
C LEU A 181 -20.62 11.42 13.55
N GLY A 182 -19.39 11.34 14.04
CA GLY A 182 -19.09 10.52 15.20
C GLY A 182 -18.58 9.12 14.83
N VAL A 183 -17.53 9.06 14.04
CA VAL A 183 -16.90 7.74 13.79
C VAL A 183 -15.62 7.71 14.59
N PRO A 184 -15.49 6.73 15.51
CA PRO A 184 -14.37 6.75 16.44
C PRO A 184 -13.05 6.63 15.67
N GLU A 185 -12.01 7.26 16.18
CA GLU A 185 -10.76 7.32 15.44
C GLU A 185 -10.21 5.97 14.98
N PRO A 186 -10.22 4.94 15.86
CA PRO A 186 -9.73 3.58 15.51
C PRO A 186 -10.41 2.92 14.34
N ASP A 187 -11.62 3.40 14.02
CA ASP A 187 -12.49 2.81 13.01
C ASP A 187 -12.33 3.51 11.67
N ARG A 188 -11.63 4.63 11.64
CA ARG A 188 -11.51 5.40 10.41
C ARG A 188 -10.70 4.70 9.25
N ALA A 189 -9.65 3.96 9.59
CA ALA A 189 -8.80 3.31 8.58
C ALA A 189 -9.55 2.34 7.67
N ALA A 190 -10.46 1.57 8.28
CA ALA A 190 -11.36 0.66 7.53
C ALA A 190 -11.95 1.30 6.29
N PHE A 191 -12.43 2.56 6.41
CA PHE A 191 -13.09 3.24 5.24
C PHE A 191 -12.26 3.47 3.95
N ARG A 192 -10.98 3.79 4.08
CA ARG A 192 -10.12 3.91 2.90
C ARG A 192 -10.11 2.55 2.16
N VAL A 193 -10.02 1.49 2.95
CA VAL A 193 -9.92 0.14 2.45
C VAL A 193 -11.22 -0.23 1.82
N TRP A 194 -12.34 0.08 2.49
CA TRP A 194 -13.63 -0.32 1.95
C TRP A 194 -13.92 0.52 0.72
N THR A 195 -13.84 1.82 0.87
CA THR A 195 -14.30 2.69 -0.18
C THR A 195 -13.39 2.49 -1.43
N ASP A 196 -12.14 2.09 -1.22
CA ASP A 196 -11.24 1.77 -2.34
C ASP A 196 -11.76 0.60 -3.16
N ALA A 197 -12.24 -0.42 -2.47
CA ALA A 197 -12.73 -1.64 -3.07
C ALA A 197 -13.99 -1.40 -3.90
N PHE A 198 -14.89 -0.50 -3.47
CA PHE A 198 -16.03 -0.23 -4.32
C PHE A 198 -15.95 0.92 -5.34
N VAL A 199 -14.78 1.62 -5.38
CA VAL A 199 -14.35 2.47 -6.52
C VAL A 199 -13.53 1.68 -7.56
N PHE A 200 -12.35 1.18 -7.18
CA PHE A 200 -11.62 0.25 -8.05
C PHE A 200 -11.75 -1.15 -7.52
N PRO A 201 -12.84 -1.86 -7.85
CA PRO A 201 -12.79 -3.25 -7.42
C PRO A 201 -11.77 -4.05 -8.21
N ASP A 202 -10.98 -4.83 -7.49
CA ASP A 202 -10.14 -5.80 -8.14
C ASP A 202 -11.00 -6.82 -8.84
N ASP A 203 -12.08 -7.26 -8.19
CA ASP A 203 -13.09 -8.06 -8.86
C ASP A 203 -14.49 -7.81 -8.32
N PRO A 204 -15.53 -8.11 -9.11
CA PRO A 204 -16.89 -7.74 -8.74
C PRO A 204 -17.31 -8.20 -7.34
N ALA A 205 -16.80 -9.36 -6.93
CA ALA A 205 -17.02 -9.85 -5.58
C ALA A 205 -16.43 -8.91 -4.51
N GLN A 206 -15.16 -8.56 -4.62
CA GLN A 206 -14.52 -7.81 -3.54
C GLN A 206 -15.30 -6.55 -3.24
N ALA A 207 -15.75 -5.81 -4.24
CA ALA A 207 -16.56 -4.62 -4.00
C ALA A 207 -17.91 -4.89 -3.29
N GLN A 208 -18.51 -6.07 -3.52
CA GLN A 208 -19.74 -6.42 -2.81
C GLN A 208 -19.47 -6.81 -1.38
N THR A 209 -18.34 -7.47 -1.13
CA THR A 209 -18.03 -7.89 0.25
C THR A 209 -17.54 -6.66 1.08
N ALA A 210 -16.81 -5.75 0.45
CA ALA A 210 -16.44 -4.50 1.09
C ALA A 210 -17.68 -3.74 1.47
N MET A 211 -18.65 -3.74 0.58
CA MET A 211 -19.89 -3.04 0.84
C MET A 211 -20.61 -3.61 2.06
N ALA A 212 -20.68 -4.93 2.14
CA ALA A 212 -21.35 -5.62 3.25
C ALA A 212 -20.74 -5.32 4.60
N GLU A 213 -19.41 -5.33 4.67
CA GLU A 213 -18.66 -5.07 5.90
C GLU A 213 -18.84 -3.65 6.37
N MET A 214 -18.76 -2.71 5.40
CA MET A 214 -19.09 -1.32 5.65
C MET A 214 -20.46 -1.11 6.26
N SER A 215 -21.50 -1.66 5.64
CA SER A 215 -22.88 -1.50 6.12
C SER A 215 -23.04 -2.09 7.51
N GLY A 216 -22.38 -3.23 7.73
CA GLY A 216 -22.35 -3.92 9.04
C GLY A 216 -21.73 -3.05 10.10
N TYR A 217 -20.50 -2.56 9.83
CA TYR A 217 -19.86 -1.61 10.67
C TYR A 217 -20.81 -0.43 11.03
N LEU A 218 -21.32 0.24 10.00
CA LEU A 218 -22.28 1.35 10.15
C LEU A 218 -23.57 1.03 10.96
N SER A 219 -24.18 -0.17 10.79
CA SER A 219 -25.33 -0.56 11.62
C SER A 219 -24.99 -0.76 13.11
N ARG A 220 -23.90 -1.47 13.37
CA ARG A 220 -23.25 -1.50 14.68
C ARG A 220 -22.89 -0.10 15.24
N LEU A 221 -22.42 0.81 14.38
CA LEU A 221 -22.10 2.19 14.82
C LEU A 221 -23.36 2.92 15.21
N ILE A 222 -24.37 2.82 14.35
CA ILE A 222 -25.70 3.34 14.66
C ILE A 222 -26.23 2.89 16.01
N ASP A 223 -26.32 1.57 16.20
N ASP A 223 -26.29 1.57 16.21
CA ASP A 223 -26.89 0.99 17.41
CA ASP A 223 -26.87 0.98 17.40
C ASP A 223 -26.13 1.44 18.64
C ASP A 223 -26.12 1.38 18.65
N SER A 224 -24.80 1.55 18.50
CA SER A 224 -23.96 2.02 19.62
C SER A 224 -24.22 3.48 20.12
N LYS A 225 -24.86 4.32 19.29
CA LYS A 225 -25.22 5.68 19.65
C LYS A 225 -26.55 5.70 20.46
N ARG A 226 -27.40 4.70 20.28
CA ARG A 226 -28.73 4.73 20.89
C ARG A 226 -28.64 4.76 22.41
N GLY A 227 -29.31 5.74 23.05
CA GLY A 227 -29.27 5.87 24.49
C GLY A 227 -27.98 6.46 25.04
N GLN A 228 -27.07 6.91 24.16
CA GLN A 228 -25.79 7.43 24.69
C GLN A 228 -25.74 8.98 24.75
N ASP A 229 -26.80 9.65 24.31
CA ASP A 229 -26.90 11.13 24.33
C ASP A 229 -25.75 11.81 23.61
N GLY A 230 -25.26 11.22 22.49
CA GLY A 230 -24.15 11.81 21.73
C GLY A 230 -24.65 13.10 21.11
N GLU A 231 -23.71 14.02 20.79
CA GLU A 231 -24.01 15.35 20.24
C GLU A 231 -23.69 15.43 18.74
N ASP A 232 -23.20 14.31 18.18
CA ASP A 232 -22.77 14.27 16.77
C ASP A 232 -23.94 14.05 15.82
N LEU A 233 -23.67 14.16 14.51
CA LEU A 233 -24.73 14.11 13.51
C LEU A 233 -25.40 12.76 13.47
N LEU A 234 -24.63 11.68 13.58
CA LEU A 234 -25.22 10.37 13.58
C LEU A 234 -26.11 10.20 14.82
N SER A 235 -25.64 10.64 15.98
CA SER A 235 -26.49 10.62 17.19
C SER A 235 -27.85 11.33 17.06
N ALA A 236 -27.86 12.54 16.49
CA ALA A 236 -29.15 13.29 16.20
C ALA A 236 -30.12 12.53 15.28
N LEU A 237 -29.59 12.04 14.16
CA LEU A 237 -30.31 11.15 13.21
C LEU A 237 -30.88 9.91 13.88
N VAL A 238 -30.10 9.20 14.71
CA VAL A 238 -30.67 8.03 15.44
C VAL A 238 -31.94 8.47 16.22
N ARG A 239 -31.83 9.58 16.96
CA ARG A 239 -32.96 10.05 17.77
C ARG A 239 -34.14 10.44 16.86
N THR A 240 -33.88 11.19 15.78
CA THR A 240 -34.91 11.52 14.80
C THR A 240 -35.61 10.26 14.31
N SER A 241 -34.79 9.26 13.99
CA SER A 241 -35.38 8.01 13.48
C SER A 241 -36.20 7.32 14.55
N ASP A 242 -35.68 7.31 15.77
CA ASP A 242 -36.33 6.60 16.87
C ASP A 242 -37.60 7.31 17.36
N GLU A 243 -37.63 8.63 17.20
CA GLU A 243 -38.81 9.44 17.61
C GLU A 243 -40.02 9.26 16.69
N ASP A 244 -39.74 9.06 15.40
CA ASP A 244 -40.79 8.84 14.42
C ASP A 244 -40.13 8.20 13.17
N GLY A 245 -40.35 6.89 13.05
CA GLY A 245 -39.84 6.09 11.94
C GLY A 245 -40.38 6.48 10.60
N SER A 246 -41.56 7.13 10.59
CA SER A 246 -42.06 7.63 9.32
C SER A 246 -41.19 8.83 8.81
N ARG A 247 -40.53 9.50 9.72
CA ARG A 247 -39.85 10.72 9.36
C ARG A 247 -38.45 10.35 8.81
N LEU A 248 -37.84 9.31 9.37
CA LEU A 248 -36.64 8.75 8.86
C LEU A 248 -36.64 7.25 9.28
N THR A 249 -36.69 6.31 8.33
CA THR A 249 -36.69 4.88 8.71
C THR A 249 -35.27 4.37 9.01
N SER A 250 -35.16 3.25 9.73
CA SER A 250 -33.87 2.60 10.01
C SER A 250 -33.02 2.32 8.77
N GLU A 251 -33.67 1.96 7.67
CA GLU A 251 -33.02 1.85 6.35
C GLU A 251 -32.44 3.15 5.81
N GLU A 252 -33.26 4.21 5.93
CA GLU A 252 -32.84 5.57 5.51
C GLU A 252 -31.70 6.15 6.34
N LEU A 253 -31.72 5.85 7.64
CA LEU A 253 -30.64 6.20 8.56
C LEU A 253 -29.31 5.52 8.18
N LEU A 254 -29.34 4.21 7.89
CA LEU A 254 -28.16 3.53 7.30
C LEU A 254 -27.68 4.22 6.00
N GLY A 255 -28.61 4.42 5.07
CA GLY A 255 -28.30 4.97 3.73
C GLY A 255 -27.77 6.41 3.84
N MET A 256 -28.29 7.15 4.80
CA MET A 256 -27.84 8.52 5.05
C MET A 256 -26.40 8.52 5.56
N ALA A 257 -26.15 7.75 6.62
CA ALA A 257 -24.79 7.53 7.10
C ALA A 257 -23.86 7.08 6.00
N HIS A 258 -24.32 6.17 5.16
CA HIS A 258 -23.49 5.74 4.02
C HIS A 258 -23.18 6.91 3.08
N ILE A 259 -24.21 7.68 2.76
CA ILE A 259 -24.06 8.67 1.70
C ILE A 259 -23.06 9.79 2.06
N LEU A 260 -23.17 10.22 3.32
CA LEU A 260 -22.36 11.25 3.90
C LEU A 260 -20.90 10.84 4.04
N LEU A 261 -20.66 9.54 4.27
CA LEU A 261 -19.30 9.06 4.45
C LEU A 261 -18.61 8.83 3.12
N VAL A 262 -19.32 8.20 2.20
CA VAL A 262 -18.75 7.96 0.89
C VAL A 262 -18.72 9.21 0.03
N ALA A 263 -19.90 9.80 -0.28
CA ALA A 263 -20.04 10.69 -1.46
C ALA A 263 -19.19 11.90 -1.23
N GLY A 264 -18.83 12.01 0.03
CA GLY A 264 -17.85 12.96 0.48
C GLY A 264 -16.45 12.47 0.33
N HIS A 265 -16.21 11.15 0.43
CA HIS A 265 -14.91 10.63 0.89
C HIS A 265 -13.76 10.75 -0.05
N GLU A 266 -13.83 9.83 -0.99
CA GLU A 266 -12.99 9.72 -2.11
C GLU A 266 -13.16 10.91 -2.98
N THR A 267 -14.35 11.53 -2.91
CA THR A 267 -14.49 12.72 -3.72
C THR A 267 -13.59 13.79 -3.20
N THR A 268 -13.61 14.05 -1.89
CA THR A 268 -12.84 15.20 -1.40
C THR A 268 -11.38 14.82 -1.38
N VAL A 269 -11.06 13.58 -1.05
CA VAL A 269 -9.67 13.16 -1.09
C VAL A 269 -9.10 13.33 -2.48
N ASN A 270 -9.84 12.88 -3.49
CA ASN A 270 -9.33 12.98 -4.88
C ASN A 270 -9.39 14.40 -5.48
N LEU A 271 -10.31 15.23 -5.01
CA LEU A 271 -10.22 16.65 -5.38
C LEU A 271 -8.84 17.21 -4.99
N ILE A 272 -8.39 16.90 -3.79
CA ILE A 272 -7.23 17.57 -3.29
C ILE A 272 -5.95 17.03 -3.98
N ALA A 273 -5.85 15.71 -4.12
CA ALA A 273 -4.72 15.11 -4.85
C ALA A 273 -4.75 15.46 -6.34
N ASN A 274 -5.90 15.27 -6.99
CA ASN A 274 -6.02 15.65 -8.43
C ASN A 274 -5.74 17.13 -8.70
N GLY A 275 -6.36 18.02 -7.91
CA GLY A 275 -6.08 19.48 -8.05
C GLY A 275 -4.62 19.81 -7.78
N MET A 276 -4.02 19.26 -6.74
CA MET A 276 -2.57 19.53 -6.49
C MET A 276 -1.69 18.93 -7.55
N TYR A 277 -2.04 17.74 -8.03
CA TYR A 277 -1.28 17.27 -9.23
C TYR A 277 -1.41 18.28 -10.40
N ALA A 278 -2.63 18.74 -10.69
CA ALA A 278 -2.88 19.66 -11.87
C ALA A 278 -2.08 20.95 -11.68
N LEU A 279 -2.06 21.48 -10.46
CA LEU A 279 -1.29 22.73 -10.22
C LEU A 279 0.24 22.49 -10.27
N LEU A 280 0.73 21.39 -9.68
CA LEU A 280 2.20 21.07 -9.72
C LEU A 280 2.70 20.65 -11.11
N SER A 281 1.82 20.12 -11.96
CA SER A 281 2.21 19.81 -13.36
C SER A 281 2.11 21.02 -14.29
N HIS A 282 1.62 22.18 -13.80
CA HIS A 282 1.46 23.40 -14.59
C HIS A 282 2.17 24.53 -13.90
N PRO A 283 3.49 24.59 -14.08
CA PRO A 283 4.33 25.39 -13.20
C PRO A 283 4.04 26.90 -13.32
N ASP A 284 3.66 27.32 -14.54
N ASP A 284 3.69 27.35 -14.52
CA ASP A 284 3.15 28.66 -14.85
CA ASP A 284 3.25 28.70 -14.72
C ASP A 284 1.98 29.09 -13.93
C ASP A 284 2.05 29.08 -13.81
N GLN A 285 1.12 28.13 -13.62
CA GLN A 285 -0.11 28.40 -12.85
C GLN A 285 0.25 28.41 -11.41
N LEU A 286 1.08 27.47 -11.00
CA LEU A 286 1.53 27.42 -9.63
C LEU A 286 2.26 28.73 -9.23
N ALA A 287 3.10 29.23 -10.14
CA ALA A 287 3.86 30.45 -9.85
C ALA A 287 2.92 31.62 -9.73
N ALA A 288 1.90 31.61 -10.56
CA ALA A 288 0.92 32.71 -10.50
C ALA A 288 0.11 32.72 -9.20
N LEU A 289 -0.41 31.55 -8.82
CA LEU A 289 -1.11 31.42 -7.54
C LEU A 289 -0.28 31.90 -6.38
N ARG A 290 0.99 31.47 -6.33
CA ARG A 290 1.90 31.83 -5.23
C ARG A 290 2.10 33.33 -5.24
N ALA A 291 2.17 33.91 -6.43
CA ALA A 291 2.42 35.34 -6.51
C ALA A 291 1.22 36.22 -6.11
N ASP A 292 0.02 35.64 -6.15
CA ASP A 292 -1.21 36.37 -5.90
C ASP A 292 -2.17 35.34 -5.37
N MET A 293 -2.16 35.28 -4.04
CA MET A 293 -2.88 34.22 -3.34
C MET A 293 -4.39 34.49 -3.38
N THR A 294 -4.77 35.70 -3.73
CA THR A 294 -6.21 35.99 -3.98
C THR A 294 -6.79 35.16 -5.18
N LEU A 295 -5.91 34.54 -5.97
CA LEU A 295 -6.34 33.61 -7.04
C LEU A 295 -6.79 32.24 -6.52
N LEU A 296 -6.56 31.99 -5.24
CA LEU A 296 -6.91 30.72 -4.60
C LEU A 296 -8.31 30.17 -4.89
N ASP A 297 -9.36 30.96 -4.62
CA ASP A 297 -10.71 30.44 -4.89
C ASP A 297 -10.86 29.94 -6.33
N GLY A 298 -10.55 30.77 -7.31
CA GLY A 298 -10.61 30.35 -8.73
C GLY A 298 -9.71 29.15 -8.98
N ALA A 299 -8.58 29.06 -8.27
CA ALA A 299 -7.64 27.96 -8.53
C ALA A 299 -8.34 26.64 -8.17
N VAL A 300 -9.11 26.66 -7.08
CA VAL A 300 -9.83 25.45 -6.66
C VAL A 300 -11.01 25.15 -7.60
N GLU A 301 -11.70 26.19 -8.03
CA GLU A 301 -12.71 26.02 -9.07
C GLU A 301 -12.11 25.39 -10.35
N GLU A 302 -10.93 25.83 -10.80
CA GLU A 302 -10.33 25.34 -12.04
C GLU A 302 -9.86 23.89 -11.84
N MET A 303 -9.39 23.58 -10.65
CA MET A 303 -9.08 22.16 -10.29
C MET A 303 -10.31 21.26 -10.43
N LEU A 304 -11.47 21.71 -9.93
CA LEU A 304 -12.71 20.95 -10.10
C LEU A 304 -13.12 20.80 -11.58
N ARG A 305 -13.13 21.94 -12.32
CA ARG A 305 -13.35 21.95 -13.78
C ARG A 305 -12.44 21.01 -14.56
N TYR A 306 -11.13 21.13 -14.34
CA TYR A 306 -10.13 20.45 -15.15
C TYR A 306 -9.90 18.98 -14.74
N GLU A 307 -9.85 18.71 -13.42
CA GLU A 307 -9.60 17.35 -12.94
C GLU A 307 -10.39 17.07 -11.67
N GLY A 308 -11.69 17.34 -11.73
CA GLY A 308 -12.59 17.03 -10.64
C GLY A 308 -12.66 15.52 -10.49
N PRO A 309 -12.95 15.05 -9.28
CA PRO A 309 -13.01 13.65 -8.91
C PRO A 309 -14.21 12.91 -9.48
N VAL A 310 -15.34 13.61 -9.75
CA VAL A 310 -16.49 12.88 -10.25
C VAL A 310 -16.41 12.96 -11.78
N GLU A 311 -15.80 11.92 -12.34
CA GLU A 311 -15.62 11.86 -13.78
C GLU A 311 -16.96 11.68 -14.53
N SER A 312 -17.87 10.93 -13.94
CA SER A 312 -19.23 10.69 -14.43
C SER A 312 -20.21 10.77 -13.25
N ALA A 313 -21.39 11.35 -13.47
CA ALA A 313 -22.40 11.45 -12.39
C ALA A 313 -23.03 10.11 -11.98
N THR A 314 -23.60 10.03 -10.78
CA THR A 314 -24.14 8.77 -10.31
C THR A 314 -25.31 8.35 -11.24
N TYR A 315 -25.74 7.10 -11.16
CA TYR A 315 -26.63 6.54 -12.20
C TYR A 315 -27.97 7.25 -12.30
N ARG A 316 -28.46 7.46 -13.55
CA ARG A 316 -29.79 7.96 -13.84
C ARG A 316 -30.51 6.89 -14.63
N PHE A 317 -31.81 6.78 -14.41
CA PHE A 317 -32.66 5.78 -15.08
C PHE A 317 -33.82 6.55 -15.74
N PRO A 318 -33.86 6.61 -17.09
CA PRO A 318 -35.00 7.35 -17.64
C PRO A 318 -36.33 6.65 -17.37
N VAL A 319 -37.38 7.42 -17.12
CA VAL A 319 -38.64 6.80 -16.70
C VAL A 319 -39.53 6.40 -17.90
N GLU A 320 -39.10 6.76 -19.10
CA GLU A 320 -39.80 6.55 -20.37
C GLU A 320 -38.63 6.64 -21.37
N PRO A 321 -38.82 6.11 -22.62
CA PRO A 321 -37.79 6.34 -23.65
C PRO A 321 -37.44 7.82 -23.75
N VAL A 322 -36.17 8.16 -23.85
CA VAL A 322 -35.73 9.52 -24.06
C VAL A 322 -34.88 9.64 -25.32
N ASP A 323 -35.24 10.59 -26.19
CA ASP A 323 -34.64 10.79 -27.51
C ASP A 323 -33.58 11.89 -27.39
N LEU A 324 -32.34 11.56 -27.73
CA LEU A 324 -31.29 12.52 -27.58
C LEU A 324 -30.68 12.63 -28.97
N ASP A 325 -31.21 13.59 -29.74
CA ASP A 325 -30.73 13.86 -31.09
C ASP A 325 -30.76 12.63 -31.94
N GLY A 326 -31.86 11.88 -31.86
CA GLY A 326 -32.03 10.65 -32.61
C GLY A 326 -31.67 9.38 -31.87
N THR A 327 -30.86 9.49 -30.81
CA THR A 327 -30.44 8.30 -30.06
C THR A 327 -31.36 8.09 -28.86
N VAL A 328 -32.18 7.05 -28.97
CA VAL A 328 -33.18 6.68 -27.94
C VAL A 328 -32.64 5.73 -26.85
N ILE A 329 -32.70 6.20 -25.60
CA ILE A 329 -32.30 5.42 -24.43
C ILE A 329 -33.57 4.76 -23.92
N PRO A 330 -33.59 3.40 -23.87
CA PRO A 330 -34.85 2.75 -23.43
C PRO A 330 -35.14 3.14 -21.99
N ALA A 331 -36.41 3.21 -21.67
CA ALA A 331 -36.82 3.40 -20.28
C ALA A 331 -36.10 2.36 -19.43
N GLY A 332 -35.56 2.83 -18.31
CA GLY A 332 -35.04 1.95 -17.31
C GLY A 332 -33.60 1.59 -17.49
N ASP A 333 -32.97 1.94 -18.62
CA ASP A 333 -31.54 1.72 -18.81
C ASP A 333 -30.76 2.55 -17.82
N THR A 334 -29.45 2.33 -17.80
CA THR A 334 -28.55 2.99 -16.89
C THR A 334 -27.72 4.03 -17.59
N VAL A 335 -27.79 5.28 -17.09
CA VAL A 335 -27.19 6.42 -17.74
C VAL A 335 -26.18 7.19 -16.83
N LEU A 336 -24.93 7.25 -17.30
CA LEU A 336 -23.85 8.05 -16.65
C LEU A 336 -23.67 9.30 -17.44
N VAL A 337 -23.74 10.43 -16.76
CA VAL A 337 -23.50 11.70 -17.44
C VAL A 337 -22.02 12.01 -17.23
N VAL A 338 -21.27 12.13 -18.29
CA VAL A 338 -19.79 12.19 -18.21
C VAL A 338 -19.39 13.64 -18.01
N LEU A 339 -19.34 14.03 -16.74
CA LEU A 339 -19.03 15.39 -16.38
C LEU A 339 -17.67 15.83 -16.88
N ALA A 340 -16.72 14.90 -16.91
CA ALA A 340 -15.37 15.16 -17.34
C ALA A 340 -15.37 15.66 -18.79
N ASP A 341 -16.26 15.11 -19.63
CA ASP A 341 -16.32 15.46 -21.06
C ASP A 341 -17.01 16.81 -21.27
N ALA A 342 -18.11 17.04 -20.54
CA ALA A 342 -18.69 18.39 -20.46
C ALA A 342 -17.59 19.41 -20.23
N HIS A 343 -16.70 19.11 -19.30
CA HIS A 343 -15.66 20.11 -18.95
C HIS A 343 -14.57 20.33 -20.01
N ARG A 344 -14.50 19.45 -21.02
CA ARG A 344 -13.54 19.64 -22.09
C ARG A 344 -14.22 20.06 -23.37
N THR A 345 -15.49 20.46 -23.28
CA THR A 345 -16.23 20.81 -24.48
C THR A 345 -15.80 22.24 -24.83
N PRO A 346 -15.28 22.47 -26.07
CA PRO A 346 -14.71 23.81 -26.31
C PRO A 346 -15.69 24.93 -26.53
N GLU A 347 -16.92 24.66 -26.99
CA GLU A 347 -17.97 25.72 -27.11
C GLU A 347 -18.25 26.34 -25.73
N ARG A 348 -18.12 25.56 -24.67
CA ARG A 348 -18.41 26.07 -23.34
C ARG A 348 -17.15 26.50 -22.61
N PHE A 349 -16.08 25.73 -22.73
CA PHE A 349 -14.86 26.07 -21.99
C PHE A 349 -13.72 26.22 -23.01
N PRO A 350 -13.57 27.45 -23.52
CA PRO A 350 -12.63 27.69 -24.62
C PRO A 350 -11.22 27.32 -24.20
N ASP A 351 -10.46 26.84 -25.16
CA ASP A 351 -9.14 26.24 -24.91
C ASP A 351 -9.22 25.25 -23.73
N PRO A 352 -10.04 24.18 -23.85
CA PRO A 352 -10.49 23.43 -22.65
C PRO A 352 -9.39 22.56 -22.07
N HIS A 353 -8.39 22.25 -22.87
CA HIS A 353 -7.27 21.47 -22.35
C HIS A 353 -6.25 22.21 -21.52
N ARG A 354 -6.45 23.51 -21.39
CA ARG A 354 -5.57 24.37 -20.62
C ARG A 354 -6.04 24.47 -19.19
N PHE A 355 -5.15 24.22 -18.25
CA PHE A 355 -5.41 24.44 -16.85
C PHE A 355 -5.09 25.90 -16.60
N ASP A 356 -6.12 26.69 -16.32
CA ASP A 356 -5.92 28.12 -16.16
C ASP A 356 -6.73 28.64 -15.01
N ILE A 357 -6.05 28.96 -13.91
CA ILE A 357 -6.69 29.30 -12.64
C ILE A 357 -7.48 30.62 -12.69
N ARG A 358 -7.30 31.41 -13.76
CA ARG A 358 -8.05 32.66 -14.00
C ARG A 358 -9.23 32.53 -15.00
N ARG A 359 -9.47 31.34 -15.56
CA ARG A 359 -10.59 31.18 -16.51
C ARG A 359 -11.94 31.39 -15.79
N ASP A 360 -13.01 31.66 -16.52
CA ASP A 360 -14.32 31.63 -15.86
C ASP A 360 -14.83 30.21 -15.79
N THR A 361 -14.91 29.69 -14.57
CA THR A 361 -15.25 28.33 -14.30
C THR A 361 -16.78 28.20 -14.03
N ALA A 362 -17.48 29.33 -13.78
CA ALA A 362 -18.90 29.34 -13.43
C ALA A 362 -19.60 28.44 -14.39
N GLY A 363 -20.51 27.59 -13.88
CA GLY A 363 -21.29 26.71 -14.74
C GLY A 363 -20.59 25.34 -14.86
N HIS A 364 -19.39 25.17 -14.34
CA HIS A 364 -18.88 23.78 -14.27
C HIS A 364 -19.89 22.82 -13.60
N LEU A 365 -19.69 21.54 -13.83
CA LEU A 365 -20.65 20.53 -13.39
C LEU A 365 -20.05 19.62 -12.32
N ALA A 366 -18.93 20.04 -11.75
CA ALA A 366 -18.20 19.15 -10.82
C ALA A 366 -19.01 18.79 -9.54
N PHE A 367 -19.99 19.64 -9.18
CA PHE A 367 -20.85 19.40 -8.01
C PHE A 367 -22.27 19.04 -8.48
N GLY A 368 -22.42 18.75 -9.79
CA GLY A 368 -23.72 18.40 -10.41
C GLY A 368 -24.51 19.61 -10.78
N HIS A 369 -25.82 19.45 -10.88
CA HIS A 369 -26.74 20.57 -11.23
C HIS A 369 -28.18 20.12 -10.99
N GLY A 370 -28.98 20.99 -10.39
CA GLY A 370 -30.42 20.76 -10.29
C GLY A 370 -30.64 20.23 -8.89
N ILE A 371 -31.67 19.45 -8.66
CA ILE A 371 -32.12 19.22 -7.25
C ILE A 371 -31.17 18.34 -6.46
N HIS A 372 -30.30 17.61 -7.17
CA HIS A 372 -29.26 16.80 -6.50
C HIS A 372 -27.93 17.49 -6.35
N PHE A 373 -27.84 18.81 -6.62
CA PHE A 373 -26.54 19.49 -6.54
C PHE A 373 -25.88 19.27 -5.19
N CYS A 374 -24.57 18.99 -5.20
CA CYS A 374 -23.79 18.58 -4.04
C CYS A 374 -24.10 19.38 -2.78
N ILE A 375 -24.47 18.71 -1.70
CA ILE A 375 -24.71 19.40 -0.41
C ILE A 375 -23.46 19.66 0.41
N GLY A 376 -22.39 18.95 0.09
CA GLY A 376 -21.15 19.13 0.77
C GLY A 376 -20.29 20.16 0.13
N ALA A 377 -20.82 20.86 -0.88
CA ALA A 377 -19.94 21.72 -1.67
C ALA A 377 -19.23 22.80 -0.85
N PRO A 378 -19.94 23.52 0.03
CA PRO A 378 -19.17 24.40 0.93
C PRO A 378 -18.13 23.74 1.84
N LEU A 379 -18.43 22.59 2.40
CA LEU A 379 -17.36 21.86 3.16
C LEU A 379 -16.19 21.44 2.23
N ALA A 380 -16.50 20.95 1.04
CA ALA A 380 -15.42 20.53 0.21
C ALA A 380 -14.52 21.72 -0.09
N ARG A 381 -15.16 22.88 -0.32
CA ARG A 381 -14.41 24.05 -0.73
C ARG A 381 -13.51 24.54 0.41
N LEU A 382 -14.06 24.52 1.62
CA LEU A 382 -13.35 24.89 2.85
C LEU A 382 -12.12 24.03 2.96
N GLU A 383 -12.34 22.70 2.93
CA GLU A 383 -11.17 21.79 2.97
C GLU A 383 -10.08 21.99 1.93
N ALA A 384 -10.45 21.97 0.64
CA ALA A 384 -9.51 22.12 -0.42
C ALA A 384 -8.82 23.49 -0.44
N ARG A 385 -9.57 24.56 -0.17
CA ARG A 385 -8.96 25.89 -0.02
C ARG A 385 -7.87 25.99 1.07
N ILE A 386 -8.20 25.57 2.28
CA ILE A 386 -7.29 25.54 3.37
C ILE A 386 -6.05 24.66 3.09
N ALA A 387 -6.26 23.43 2.58
CA ALA A 387 -5.14 22.50 2.18
C ALA A 387 -4.26 23.13 1.10
N VAL A 388 -4.88 23.70 0.07
CA VAL A 388 -4.06 24.16 -1.03
C VAL A 388 -3.18 25.34 -0.53
N ARG A 389 -3.79 26.29 0.17
CA ARG A 389 -3.05 27.46 0.63
C ARG A 389 -1.98 27.02 1.64
N ALA A 390 -2.32 26.05 2.49
CA ALA A 390 -1.32 25.57 3.41
C ALA A 390 -0.08 25.06 2.71
N LEU A 391 -0.28 24.32 1.62
CA LEU A 391 0.86 23.67 0.93
C LEU A 391 1.72 24.72 0.28
N LEU A 392 1.07 25.70 -0.38
CA LEU A 392 1.82 26.75 -1.02
C LEU A 392 2.62 27.61 -0.01
N GLU A 393 2.00 27.97 1.13
CA GLU A 393 2.69 28.85 2.08
C GLU A 393 3.81 28.13 2.86
N ARG A 394 3.71 26.81 2.99
CA ARG A 394 4.59 26.09 3.89
C ARG A 394 5.67 25.24 3.20
N CYS A 395 5.52 24.99 1.91
CA CYS A 395 6.45 24.13 1.19
C CYS A 395 7.07 24.95 0.11
N PRO A 396 8.32 25.40 0.36
CA PRO A 396 8.97 26.25 -0.58
C PRO A 396 9.44 25.35 -1.71
N ASP A 397 9.32 25.82 -2.94
CA ASP A 397 9.85 25.07 -4.07
C ASP A 397 9.09 23.74 -4.22
N LEU A 398 7.86 23.67 -3.71
CA LEU A 398 7.01 22.51 -3.85
C LEU A 398 6.88 22.07 -5.31
N ALA A 399 7.10 20.79 -5.55
CA ALA A 399 7.02 20.20 -6.92
C ALA A 399 6.77 18.68 -6.90
N LEU A 400 6.36 18.12 -8.04
CA LEU A 400 6.10 16.73 -8.16
C LEU A 400 7.46 16.02 -8.09
N ASP A 401 7.45 14.81 -7.55
CA ASP A 401 8.65 13.97 -7.35
C ASP A 401 8.38 12.61 -8.00
N VAL A 402 7.88 12.67 -9.21
CA VAL A 402 7.46 11.48 -9.90
C VAL A 402 7.63 11.80 -11.39
N SER A 403 7.85 10.82 -12.26
CA SER A 403 7.72 11.16 -13.69
C SER A 403 6.30 10.78 -14.20
N PRO A 404 5.47 11.80 -14.64
CA PRO A 404 4.10 11.75 -15.19
C PRO A 404 3.45 10.38 -15.42
N GLY A 405 4.21 9.47 -16.09
CA GLY A 405 3.84 8.05 -16.29
C GLY A 405 4.18 7.07 -15.16
N GLU A 406 4.85 7.57 -14.12
CA GLU A 406 5.07 6.75 -12.92
C GLU A 406 3.77 6.72 -12.11
N LEU A 407 2.90 7.68 -12.37
CA LEU A 407 1.64 7.80 -11.65
C LEU A 407 0.67 6.76 -12.15
N VAL A 408 -0.24 6.33 -11.27
CA VAL A 408 -1.22 5.33 -11.60
C VAL A 408 -2.64 5.82 -11.28
N TRP A 409 -3.49 5.85 -12.32
CA TRP A 409 -4.86 6.25 -12.15
C TRP A 409 -5.72 5.03 -12.12
N TYR A 410 -6.90 5.19 -11.54
CA TYR A 410 -7.94 4.14 -11.53
C TYR A 410 -8.69 4.17 -12.86
N PRO A 411 -9.04 2.99 -13.37
CA PRO A 411 -9.88 2.76 -14.56
C PRO A 411 -11.34 3.26 -14.47
N ASN A 412 -11.97 3.15 -13.31
CA ASN A 412 -13.40 3.45 -13.14
C ASN A 412 -13.77 4.78 -13.79
N PRO A 413 -14.76 4.79 -14.68
CA PRO A 413 -15.21 6.01 -15.33
C PRO A 413 -16.04 6.94 -14.42
N MET A 414 -16.43 6.50 -13.23
CA MET A 414 -17.19 7.38 -12.35
C MET A 414 -16.31 8.31 -11.50
N ILE A 415 -15.17 7.80 -11.06
CA ILE A 415 -14.30 8.55 -10.21
C ILE A 415 -12.88 8.74 -10.84
N ARG A 416 -12.42 10.00 -10.87
CA ARG A 416 -11.06 10.30 -11.31
C ARG A 416 -10.17 10.31 -10.10
N GLY A 417 -9.16 9.42 -10.09
CA GLY A 417 -8.25 9.34 -8.93
C GLY A 417 -6.95 8.58 -9.15
N LEU A 418 -5.96 8.99 -8.36
CA LEU A 418 -4.58 8.51 -8.32
C LEU A 418 -4.35 7.59 -7.12
N LYS A 419 -3.37 6.72 -7.21
CA LYS A 419 -2.98 5.91 -6.06
C LYS A 419 -2.06 6.72 -5.14
N ALA A 420 -0.92 7.17 -5.69
CA ALA A 420 0.09 7.93 -4.93
C ALA A 420 0.30 9.35 -5.57
N LEU A 421 0.69 10.34 -4.76
CA LEU A 421 1.17 11.60 -5.33
C LEU A 421 2.46 12.03 -4.60
N PRO A 422 3.60 11.42 -5.02
CA PRO A 422 4.95 11.84 -4.56
C PRO A 422 5.29 13.26 -4.88
N ILE A 423 5.72 13.99 -3.86
CA ILE A 423 6.08 15.41 -3.99
C ILE A 423 7.45 15.65 -3.32
N ARG A 424 8.03 16.81 -3.58
CA ARG A 424 9.26 17.19 -2.89
C ARG A 424 9.30 18.72 -2.64
N TRP A 425 10.21 19.19 -1.78
CA TRP A 425 10.35 20.65 -1.49
C TRP A 425 11.78 20.84 -1.02
N ARG A 426 12.23 22.09 -0.84
CA ARG A 426 13.60 22.33 -0.31
C ARG A 426 13.64 22.30 1.23
N PRO B 33 1.60 -1.60 29.59
CA PRO B 33 2.87 -2.04 30.19
C PRO B 33 3.81 -2.64 29.12
N VAL B 34 4.59 -1.77 28.48
CA VAL B 34 5.30 -2.06 27.21
C VAL B 34 6.79 -1.85 27.38
N LEU B 35 7.57 -2.89 27.05
CA LEU B 35 9.01 -2.75 27.02
C LEU B 35 9.43 -1.97 25.77
N ASP B 36 10.14 -0.85 25.99
CA ASP B 36 10.66 -0.08 24.85
C ASP B 36 12.04 -0.63 24.45
N LEU B 37 12.14 -1.17 23.24
CA LEU B 37 13.38 -1.78 22.77
C LEU B 37 14.36 -0.71 22.36
N GLY B 38 13.82 0.41 21.89
CA GLY B 38 14.66 1.57 21.59
C GLY B 38 15.45 1.94 22.81
N ALA B 39 14.74 2.11 23.93
CA ALA B 39 15.33 2.70 25.13
C ALA B 39 16.44 1.83 25.74
N LEU B 40 16.48 0.56 25.34
CA LEU B 40 17.49 -0.36 25.83
C LEU B 40 18.91 0.02 25.39
N GLY B 41 19.04 0.64 24.21
CA GLY B 41 20.31 1.23 23.76
C GLY B 41 21.20 0.13 23.24
N GLN B 42 22.28 0.50 22.54
CA GLN B 42 23.09 -0.46 21.74
C GLN B 42 23.65 -1.67 22.50
N ASP B 43 23.59 -1.64 23.83
CA ASP B 43 23.90 -2.84 24.58
C ASP B 43 22.85 -3.95 24.27
N PHE B 44 21.60 -3.54 24.01
CA PHE B 44 20.55 -4.46 23.56
C PHE B 44 20.75 -4.90 22.13
N ALA B 45 20.99 -3.93 21.25
CA ALA B 45 21.23 -4.23 19.86
C ALA B 45 22.44 -5.14 19.67
N ALA B 46 23.48 -4.95 20.51
CA ALA B 46 24.69 -5.81 20.49
C ALA B 46 24.56 -7.20 21.15
N ASP B 47 23.73 -7.35 22.18
CA ASP B 47 23.52 -8.65 22.82
C ASP B 47 22.08 -8.72 23.29
N PRO B 48 21.16 -9.04 22.38
CA PRO B 48 19.72 -9.04 22.74
C PRO B 48 19.24 -10.24 23.53
N TYR B 49 19.98 -11.36 23.50
CA TYR B 49 19.53 -12.63 24.11
C TYR B 49 19.14 -12.64 25.62
N PRO B 50 19.94 -12.01 26.52
CA PRO B 50 19.48 -12.02 27.92
C PRO B 50 18.05 -11.47 28.09
N THR B 51 17.76 -10.35 27.42
CA THR B 51 16.45 -9.74 27.41
C THR B 51 15.34 -10.69 26.90
N TYR B 52 15.59 -11.39 25.79
CA TYR B 52 14.59 -12.34 25.28
C TYR B 52 14.42 -13.54 26.23
N ALA B 53 15.51 -14.10 26.74
CA ALA B 53 15.39 -15.23 27.71
C ALA B 53 14.67 -14.84 28.99
N ARG B 54 14.74 -13.58 29.39
CA ARG B 54 14.02 -13.16 30.59
C ARG B 54 12.54 -12.94 30.29
N LEU B 55 12.22 -12.52 29.06
CA LEU B 55 10.81 -12.47 28.63
C LEU B 55 10.26 -13.87 28.55
N ARG B 56 11.04 -14.76 28.00
CA ARG B 56 10.64 -16.13 27.90
C ARG B 56 10.30 -16.71 29.28
N ALA B 57 11.06 -16.30 30.31
CA ALA B 57 10.85 -16.85 31.66
C ALA B 57 9.51 -16.42 32.27
N GLU B 58 8.94 -15.37 31.71
CA GLU B 58 7.70 -14.84 32.22
C GLU B 58 6.49 -15.32 31.43
N GLY B 59 6.66 -15.51 30.12
CA GLY B 59 5.57 -16.00 29.31
C GLY B 59 5.97 -15.97 27.84
N PRO B 60 5.08 -16.45 26.97
CA PRO B 60 5.33 -16.55 25.53
C PRO B 60 5.06 -15.24 24.78
N ALA B 61 4.26 -14.34 25.32
CA ALA B 61 3.83 -13.15 24.54
C ALA B 61 3.99 -11.85 25.34
N HIS B 62 4.50 -10.81 24.69
CA HIS B 62 4.90 -9.54 25.39
C HIS B 62 4.75 -8.30 24.49
N ARG B 63 4.11 -7.23 25.00
CA ARG B 63 4.04 -5.94 24.30
C ARG B 63 5.38 -5.26 24.32
N VAL B 64 5.89 -4.89 23.14
CA VAL B 64 7.12 -4.16 23.08
C VAL B 64 6.94 -2.95 22.20
N ARG B 65 7.85 -2.00 22.29
CA ARG B 65 7.92 -0.94 21.29
C ARG B 65 9.25 -1.06 20.59
N THR B 66 9.25 -0.98 19.24
CA THR B 66 10.50 -1.14 18.48
C THR B 66 11.32 0.13 18.55
N PRO B 67 12.61 0.06 18.22
CA PRO B 67 13.37 1.30 18.32
C PRO B 67 12.82 2.37 17.37
N GLU B 68 12.20 1.94 16.27
CA GLU B 68 11.37 2.86 15.46
C GLU B 68 10.17 3.54 16.14
N GLY B 69 9.58 2.95 17.20
CA GLY B 69 8.38 3.56 17.85
C GLY B 69 7.03 2.86 17.63
N ASN B 70 7.09 1.72 16.94
CA ASN B 70 5.96 0.83 16.73
C ASN B 70 5.73 -0.11 17.89
N GLU B 71 4.48 -0.14 18.33
CA GLU B 71 4.10 -1.13 19.33
C GLU B 71 3.69 -2.47 18.64
N VAL B 72 4.26 -3.60 19.10
CA VAL B 72 4.04 -4.89 18.46
C VAL B 72 4.12 -5.90 19.60
N TRP B 73 3.66 -7.13 19.33
CA TRP B 73 3.91 -8.26 20.21
C TRP B 73 5.18 -9.08 19.81
N LEU B 74 5.89 -9.64 20.80
CA LEU B 74 6.95 -10.64 20.54
C LEU B 74 6.48 -11.97 21.09
N VAL B 75 6.62 -13.05 20.30
CA VAL B 75 6.45 -14.43 20.80
C VAL B 75 7.84 -15.06 20.95
N VAL B 76 8.12 -15.61 22.14
CA VAL B 76 9.47 -16.10 22.49
C VAL B 76 9.33 -17.53 22.95
N GLY B 77 10.43 -18.28 22.96
CA GLY B 77 10.36 -19.69 23.34
C GLY B 77 10.19 -20.54 22.10
N TYR B 78 10.91 -21.64 22.03
CA TYR B 78 11.02 -22.44 20.82
C TYR B 78 9.68 -23.03 20.45
N ASP B 79 9.12 -23.83 21.37
CA ASP B 79 7.86 -24.54 21.10
C ASP B 79 6.74 -23.55 20.64
N ARG B 80 6.46 -22.54 21.45
CA ARG B 80 5.51 -21.48 21.00
C ARG B 80 5.84 -20.71 19.68
N ALA B 81 7.12 -20.37 19.48
CA ALA B 81 7.53 -19.81 18.19
C ALA B 81 7.12 -20.70 17.03
N ARG B 82 7.43 -21.99 17.14
CA ARG B 82 7.27 -22.93 16.04
C ARG B 82 5.77 -23.08 15.74
N ALA B 83 4.97 -23.19 16.81
CA ALA B 83 3.52 -23.26 16.71
C ALA B 83 2.92 -22.04 16.01
N VAL B 84 3.29 -20.81 16.41
CA VAL B 84 2.68 -19.57 15.87
C VAL B 84 3.08 -19.44 14.38
N LEU B 85 4.32 -19.79 14.03
CA LEU B 85 4.71 -19.73 12.63
C LEU B 85 3.70 -20.40 11.71
N ALA B 86 3.21 -21.56 12.15
CA ALA B 86 2.42 -22.45 11.27
C ALA B 86 0.92 -22.29 11.45
N ASP B 87 0.56 -21.72 12.61
CA ASP B 87 -0.81 -21.52 13.06
C ASP B 87 -1.61 -20.67 12.10
N PRO B 88 -2.59 -21.26 11.42
CA PRO B 88 -3.49 -20.49 10.57
C PRO B 88 -4.31 -19.39 11.27
N ARG B 89 -4.40 -19.39 12.60
CA ARG B 89 -5.02 -18.23 13.25
C ARG B 89 -4.19 -16.95 13.09
N PHE B 90 -2.88 -17.06 12.82
CA PHE B 90 -2.06 -15.85 12.61
C PHE B 90 -1.90 -15.60 11.10
N SER B 91 -2.58 -14.56 10.58
CA SER B 91 -2.65 -14.27 9.13
C SER B 91 -1.40 -13.47 8.73
N LYS B 92 -1.02 -13.51 7.43
CA LYS B 92 0.02 -12.59 6.91
C LYS B 92 -0.55 -11.52 5.96
N ASP B 93 -1.84 -11.62 5.70
CA ASP B 93 -2.62 -10.71 4.83
C ASP B 93 -2.95 -9.42 5.60
N TRP B 94 -2.54 -8.29 5.04
CA TRP B 94 -2.73 -7.00 5.68
C TRP B 94 -4.22 -6.67 5.86
N ARG B 95 -5.10 -7.33 5.10
CA ARG B 95 -6.53 -7.16 5.32
C ARG B 95 -6.87 -7.55 6.76
N ASN B 96 -6.06 -8.39 7.38
CA ASN B 96 -6.33 -8.79 8.78
C ASN B 96 -5.60 -8.01 9.85
N SER B 97 -4.85 -7.00 9.43
CA SER B 97 -4.15 -6.10 10.32
C SER B 97 -4.87 -4.78 10.61
N THR B 98 -5.02 -4.48 11.90
CA THR B 98 -5.60 -3.21 12.27
C THR B 98 -4.70 -2.04 11.86
N THR B 99 -3.37 -2.24 11.80
CA THR B 99 -2.44 -1.26 11.24
C THR B 99 -2.65 -1.13 9.74
N PRO B 100 -2.95 0.07 9.23
CA PRO B 100 -3.07 0.26 7.77
C PRO B 100 -1.74 0.33 7.05
N LEU B 101 -1.78 -0.10 5.79
CA LEU B 101 -0.68 0.22 4.86
C LEU B 101 -0.76 1.63 4.31
N THR B 102 0.40 2.21 4.00
CA THR B 102 0.47 3.38 3.16
C THR B 102 0.31 2.96 1.73
N GLU B 103 0.09 3.94 0.84
CA GLU B 103 0.03 3.63 -0.60
C GLU B 103 1.31 2.98 -1.11
N ALA B 104 2.46 3.52 -0.69
CA ALA B 104 3.77 3.01 -1.07
C ALA B 104 3.94 1.50 -0.72
N GLU B 105 3.60 1.17 0.51
CA GLU B 105 3.58 -0.20 1.02
C GLU B 105 2.58 -1.06 0.25
N ALA B 106 1.41 -0.47 -0.02
CA ALA B 106 0.33 -1.21 -0.61
C ALA B 106 0.67 -1.63 -2.05
N ALA B 107 1.48 -0.84 -2.75
CA ALA B 107 1.86 -1.19 -4.12
C ALA B 107 2.70 -2.49 -4.23
N LEU B 108 3.26 -2.95 -3.13
CA LEU B 108 4.23 -4.02 -3.19
C LEU B 108 3.78 -5.21 -2.37
N ASN B 109 2.55 -5.18 -1.86
CA ASN B 109 2.14 -6.17 -0.85
C ASN B 109 1.37 -7.36 -1.45
N HIS B 110 1.23 -7.37 -2.76
CA HIS B 110 0.57 -8.47 -3.41
C HIS B 110 1.58 -9.57 -3.69
N ASN B 111 2.14 -10.14 -2.62
CA ASN B 111 3.23 -11.10 -2.76
C ASN B 111 2.91 -12.30 -1.86
N MET B 112 3.55 -13.42 -2.16
CA MET B 112 3.26 -14.65 -1.38
C MET B 112 3.44 -14.57 0.13
N LEU B 113 4.47 -13.83 0.60
CA LEU B 113 4.80 -13.80 2.04
C LEU B 113 3.77 -13.01 2.79
N GLU B 114 3.14 -12.10 2.07
CA GLU B 114 2.12 -11.26 2.68
C GLU B 114 0.73 -11.71 2.19
N SER B 115 0.57 -13.01 2.09
CA SER B 115 -0.65 -13.63 1.61
C SER B 115 -1.05 -14.83 2.43
N ASP B 116 -2.34 -15.15 2.44
CA ASP B 116 -2.87 -16.40 2.99
C ASP B 116 -3.37 -17.27 1.81
N PRO B 117 -3.57 -18.60 2.04
CA PRO B 117 -4.32 -19.37 1.00
C PRO B 117 -5.72 -18.78 0.87
N PRO B 118 -6.29 -18.77 -0.36
CA PRO B 118 -5.76 -19.45 -1.54
C PRO B 118 -4.74 -18.62 -2.31
N ARG B 119 -4.58 -17.33 -2.01
CA ARG B 119 -3.69 -16.50 -2.83
C ARG B 119 -2.21 -16.88 -2.72
N HIS B 120 -1.79 -17.19 -1.49
CA HIS B 120 -0.45 -17.71 -1.25
C HIS B 120 -0.19 -18.96 -2.05
N THR B 121 -1.24 -19.75 -2.20
CA THR B 121 -1.09 -21.08 -2.79
C THR B 121 -0.79 -20.90 -4.30
N ARG B 122 -1.60 -20.05 -4.96
CA ARG B 122 -1.49 -19.77 -6.39
C ARG B 122 -0.13 -19.14 -6.70
N LEU B 123 0.26 -18.15 -5.90
CA LEU B 123 1.49 -17.44 -6.12
C LEU B 123 2.76 -18.30 -6.02
N ARG B 124 2.87 -19.05 -4.92
CA ARG B 124 3.98 -19.95 -4.75
C ARG B 124 4.15 -21.05 -5.86
N LYS B 125 3.03 -21.63 -6.33
CA LYS B 125 3.04 -22.61 -7.40
C LYS B 125 3.70 -22.10 -8.67
N LEU B 126 3.63 -20.79 -8.94
CA LEU B 126 4.21 -20.23 -10.19
C LEU B 126 5.74 -20.27 -10.18
N VAL B 127 6.34 -20.20 -9.00
CA VAL B 127 7.82 -20.14 -8.92
C VAL B 127 8.47 -21.37 -8.22
N ALA B 128 7.64 -22.25 -7.73
CA ALA B 128 8.07 -23.46 -6.96
C ALA B 128 9.09 -24.31 -7.72
N ARG B 129 8.84 -24.57 -8.98
CA ARG B 129 9.74 -25.42 -9.77
C ARG B 129 11.12 -24.75 -9.98
N GLU B 130 11.18 -23.43 -9.83
CA GLU B 130 12.41 -22.70 -10.10
C GLU B 130 13.38 -22.76 -8.92
N PHE B 131 12.91 -23.14 -7.75
CA PHE B 131 13.76 -22.96 -6.57
C PHE B 131 14.07 -24.32 -5.90
N THR B 132 13.77 -25.41 -6.63
CA THR B 132 14.07 -26.75 -6.11
C THR B 132 15.56 -26.89 -6.01
N MET B 133 16.02 -27.81 -5.15
CA MET B 133 17.43 -28.21 -5.13
C MET B 133 18.04 -28.47 -6.51
N ARG B 134 17.40 -29.31 -7.34
CA ARG B 134 17.94 -29.60 -8.68
C ARG B 134 18.07 -28.38 -9.60
N ARG B 135 17.05 -27.54 -9.65
CA ARG B 135 17.13 -26.35 -10.49
C ARG B 135 18.22 -25.49 -9.87
N VAL B 136 18.25 -25.39 -8.55
CA VAL B 136 19.27 -24.60 -7.88
C VAL B 136 20.69 -25.13 -8.13
N GLU B 137 20.82 -26.46 -8.13
CA GLU B 137 22.10 -27.06 -8.40
C GLU B 137 22.67 -26.65 -9.77
N LEU B 138 21.82 -26.53 -10.77
CA LEU B 138 22.29 -26.00 -12.02
C LEU B 138 23.07 -24.70 -11.85
N LEU B 139 22.66 -23.83 -10.93
CA LEU B 139 23.28 -22.49 -10.79
C LEU B 139 24.70 -22.51 -10.26
N ARG B 140 25.11 -23.64 -9.72
CA ARG B 140 26.32 -23.68 -8.95
C ARG B 140 27.61 -23.18 -9.64
N PRO B 141 27.83 -23.55 -10.92
CA PRO B 141 29.03 -23.00 -11.56
C PRO B 141 28.97 -21.46 -11.70
N ARG B 142 27.81 -20.88 -11.95
CA ARG B 142 27.81 -19.38 -12.05
C ARG B 142 28.08 -18.75 -10.68
N VAL B 143 27.50 -19.35 -9.66
CA VAL B 143 27.66 -18.84 -8.30
C VAL B 143 29.12 -18.98 -7.94
N GLN B 144 29.72 -20.14 -8.25
CA GLN B 144 31.10 -20.32 -7.98
C GLN B 144 31.94 -19.23 -8.63
N GLU B 145 31.62 -18.88 -9.88
CA GLU B 145 32.37 -17.90 -10.64
C GLU B 145 32.26 -16.51 -10.01
N ILE B 146 31.06 -16.18 -9.56
CA ILE B 146 30.82 -14.90 -8.89
C ILE B 146 31.63 -14.72 -7.61
N VAL B 147 31.62 -15.74 -6.77
CA VAL B 147 32.35 -15.72 -5.49
C VAL B 147 33.87 -15.66 -5.73
N ASP B 148 34.37 -16.52 -6.64
CA ASP B 148 35.80 -16.53 -6.97
C ASP B 148 36.24 -15.11 -7.41
N GLY B 149 35.43 -14.51 -8.31
CA GLY B 149 35.57 -13.12 -8.79
C GLY B 149 35.64 -12.14 -7.63
N LEU B 150 34.67 -12.20 -6.72
CA LEU B 150 34.57 -11.28 -5.55
C LEU B 150 35.73 -11.40 -4.58
N VAL B 151 36.19 -12.63 -4.37
CA VAL B 151 37.35 -12.89 -3.55
C VAL B 151 38.64 -12.45 -4.25
N ASP B 152 38.75 -12.68 -5.56
CA ASP B 152 39.97 -12.21 -6.27
C ASP B 152 40.08 -10.68 -6.13
N ALA B 153 38.94 -9.97 -6.23
CA ALA B 153 38.94 -8.50 -6.15
C ALA B 153 39.28 -8.11 -4.72
N MET B 154 38.67 -8.80 -3.77
CA MET B 154 39.02 -8.56 -2.35
C MET B 154 40.55 -8.65 -2.07
N LEU B 155 41.16 -9.72 -2.56
CA LEU B 155 42.54 -10.06 -2.29
C LEU B 155 43.49 -9.05 -2.91
N ALA B 156 42.95 -8.16 -3.76
CA ALA B 156 43.71 -7.05 -4.31
C ALA B 156 44.29 -6.10 -3.22
N ALA B 157 43.59 -5.95 -2.11
CA ALA B 157 44.08 -5.12 -1.00
C ALA B 157 45.58 -5.30 -0.68
N PRO B 158 46.42 -4.29 -0.97
CA PRO B 158 47.88 -4.45 -0.71
C PRO B 158 48.30 -4.81 0.73
N ASP B 159 47.49 -4.47 1.73
CA ASP B 159 47.85 -4.75 3.16
C ASP B 159 47.03 -5.93 3.78
N GLY B 160 46.24 -6.62 2.95
CA GLY B 160 45.49 -7.80 3.37
C GLY B 160 44.37 -7.54 4.36
N ARG B 161 43.62 -6.44 4.15
CA ARG B 161 42.52 -6.00 4.99
C ARG B 161 41.34 -5.64 4.08
N ALA B 162 40.15 -6.01 4.52
CA ALA B 162 38.90 -5.67 3.85
C ALA B 162 37.74 -5.61 4.83
N ASP B 163 36.65 -5.03 4.40
CA ASP B 163 35.37 -5.17 5.04
C ASP B 163 34.65 -6.25 4.27
N LEU B 164 34.32 -7.34 4.97
CA LEU B 164 33.67 -8.48 4.29
C LEU B 164 32.28 -8.17 3.78
N MET B 165 31.65 -7.24 4.42
CA MET B 165 30.31 -6.89 4.03
C MET B 165 30.31 -6.21 2.63
N GLU B 166 31.18 -5.24 2.45
CA GLU B 166 31.39 -4.54 1.20
C GLU B 166 32.04 -5.45 0.16
N SER B 167 32.86 -6.42 0.60
CA SER B 167 33.61 -7.22 -0.35
C SER B 167 32.89 -8.39 -0.88
N LEU B 168 32.05 -9.00 -0.07
CA LEU B 168 31.43 -10.26 -0.49
C LEU B 168 29.97 -10.34 -0.06
N ALA B 169 29.68 -10.02 1.19
CA ALA B 169 28.35 -10.27 1.76
C ALA B 169 27.27 -9.49 1.02
N TRP B 170 27.55 -8.22 0.70
N TRP B 170 27.57 -8.23 0.72
CA TRP B 170 26.62 -7.48 -0.14
CA TRP B 170 26.69 -7.42 -0.14
C TRP B 170 26.61 -7.84 -1.63
C TRP B 170 26.62 -7.85 -1.59
N PRO B 171 27.78 -7.87 -2.30
CA PRO B 171 27.68 -8.12 -3.75
C PRO B 171 27.26 -9.52 -4.18
N LEU B 172 27.59 -10.58 -3.44
CA LEU B 172 27.19 -11.91 -3.90
C LEU B 172 25.66 -12.06 -4.08
N PRO B 173 24.85 -11.83 -3.02
CA PRO B 173 23.44 -12.13 -3.18
C PRO B 173 22.82 -11.25 -4.21
N ILE B 174 23.25 -10.00 -4.35
CA ILE B 174 22.54 -9.27 -5.43
C ILE B 174 23.00 -9.64 -6.84
N THR B 175 24.25 -10.03 -7.00
CA THR B 175 24.74 -10.43 -8.33
C THR B 175 23.86 -11.58 -8.74
N VAL B 176 23.79 -12.60 -7.89
CA VAL B 176 23.00 -13.79 -8.15
C VAL B 176 21.51 -13.57 -8.43
N ILE B 177 20.84 -12.88 -7.53
CA ILE B 177 19.40 -12.72 -7.73
C ILE B 177 19.13 -11.78 -8.93
N SER B 178 20.04 -10.81 -9.11
CA SER B 178 19.91 -9.92 -10.28
C SER B 178 20.13 -10.68 -11.59
N GLU B 179 21.01 -11.69 -11.61
CA GLU B 179 21.19 -12.45 -12.85
C GLU B 179 19.97 -13.31 -13.13
N LEU B 180 19.47 -14.00 -12.11
CA LEU B 180 18.23 -14.79 -12.21
C LEU B 180 17.01 -14.03 -12.76
N LEU B 181 16.86 -12.82 -12.23
CA LEU B 181 15.78 -11.95 -12.62
C LEU B 181 15.98 -11.11 -13.86
N GLY B 182 17.23 -10.86 -14.27
CA GLY B 182 17.43 -10.00 -15.42
C GLY B 182 17.50 -8.53 -15.03
N VAL B 183 18.10 -8.26 -13.86
CA VAL B 183 18.29 -6.85 -13.43
C VAL B 183 19.65 -6.35 -13.98
N PRO B 184 19.66 -5.34 -14.91
CA PRO B 184 20.87 -4.82 -15.55
C PRO B 184 21.93 -4.35 -14.54
N GLU B 185 23.20 -4.49 -14.90
CA GLU B 185 24.25 -4.19 -13.97
C GLU B 185 24.24 -2.78 -13.35
N PRO B 186 24.05 -1.72 -14.16
CA PRO B 186 24.18 -0.42 -13.52
C PRO B 186 23.01 -0.10 -12.57
N ASP B 187 21.98 -0.95 -12.61
CA ASP B 187 20.74 -0.77 -11.87
C ASP B 187 20.83 -1.42 -10.50
N ARG B 188 21.94 -2.09 -10.21
CA ARG B 188 21.98 -2.93 -9.03
C ARG B 188 22.34 -2.22 -7.74
N ALA B 189 23.11 -1.15 -7.87
CA ALA B 189 23.60 -0.43 -6.72
C ALA B 189 22.42 0.17 -5.95
N ALA B 190 21.43 0.68 -6.70
CA ALA B 190 20.20 1.24 -6.11
C ALA B 190 19.47 0.25 -5.24
N PHE B 191 19.61 -1.04 -5.53
CA PHE B 191 19.03 -2.09 -4.65
C PHE B 191 19.54 -2.22 -3.26
N ARG B 192 20.85 -2.25 -3.09
CA ARG B 192 21.42 -2.04 -1.81
C ARG B 192 20.88 -0.82 -1.04
N VAL B 193 20.72 0.32 -1.73
CA VAL B 193 20.25 1.54 -1.09
C VAL B 193 18.76 1.34 -0.70
N TRP B 194 17.95 0.80 -1.60
CA TRP B 194 16.51 0.66 -1.25
C TRP B 194 16.26 -0.37 -0.16
N THR B 195 17.05 -1.41 -0.25
CA THR B 195 16.91 -2.52 0.64
C THR B 195 17.46 -2.17 2.02
N ASP B 196 18.57 -1.45 2.07
CA ASP B 196 19.08 -0.89 3.31
C ASP B 196 18.03 -0.02 4.01
N ALA B 197 17.28 0.76 3.24
CA ALA B 197 16.29 1.72 3.73
C ALA B 197 14.99 1.08 4.27
N PHE B 198 14.66 -0.11 3.79
CA PHE B 198 13.51 -0.87 4.29
C PHE B 198 13.70 -1.41 5.69
N VAL B 199 14.92 -1.74 6.10
CA VAL B 199 15.14 -2.26 7.47
C VAL B 199 15.89 -1.28 8.31
N PHE B 200 16.90 -0.64 7.73
CA PHE B 200 17.81 0.18 8.54
C PHE B 200 17.72 1.69 8.18
N PRO B 201 16.49 2.24 8.08
CA PRO B 201 16.40 3.65 7.69
C PRO B 201 16.78 4.55 8.85
N ASP B 202 17.44 5.68 8.55
CA ASP B 202 17.69 6.76 9.49
C ASP B 202 16.34 7.36 9.96
N ASP B 203 15.37 7.41 9.05
N ASP B 203 15.36 7.36 9.06
CA ASP B 203 14.06 8.04 9.30
CA ASP B 203 14.06 7.96 9.34
C ASP B 203 13.00 7.33 8.44
C ASP B 203 13.02 7.24 8.48
N PRO B 204 11.81 7.03 9.02
CA PRO B 204 10.81 6.19 8.36
C PRO B 204 10.21 6.79 7.09
N ALA B 205 10.24 8.11 6.97
CA ALA B 205 9.99 8.74 5.69
C ALA B 205 10.91 8.20 4.54
N GLN B 206 12.16 7.89 4.86
CA GLN B 206 13.09 7.31 3.90
C GLN B 206 12.65 5.92 3.38
N ALA B 207 12.10 5.05 4.25
CA ALA B 207 11.66 3.73 3.83
C ALA B 207 10.49 3.92 2.85
N GLN B 208 9.71 4.97 3.08
CA GLN B 208 8.51 5.21 2.27
C GLN B 208 8.93 5.66 0.90
N THR B 209 9.85 6.62 0.87
CA THR B 209 10.44 7.07 -0.45
C THR B 209 11.18 5.90 -1.21
N ALA B 210 11.92 5.08 -0.49
CA ALA B 210 12.57 3.95 -1.11
C ALA B 210 11.54 2.98 -1.73
N MET B 211 10.44 2.73 -1.02
CA MET B 211 9.37 1.92 -1.59
C MET B 211 8.84 2.49 -2.89
N ALA B 212 8.59 3.80 -2.92
CA ALA B 212 8.00 4.38 -4.10
C ALA B 212 9.00 4.34 -5.28
N GLU B 213 10.28 4.56 -4.98
CA GLU B 213 11.33 4.55 -5.99
C GLU B 213 11.50 3.15 -6.53
N MET B 214 11.59 2.15 -5.65
CA MET B 214 11.76 0.75 -6.13
C MET B 214 10.49 0.23 -6.87
N SER B 215 9.30 0.57 -6.40
CA SER B 215 8.12 0.08 -7.11
C SER B 215 8.12 0.68 -8.53
N GLY B 216 8.52 1.95 -8.63
CA GLY B 216 8.53 2.63 -9.89
C GLY B 216 9.49 1.98 -10.85
N TYR B 217 10.70 1.71 -10.33
CA TYR B 217 11.74 1.09 -11.08
C TYR B 217 11.31 -0.32 -11.52
N LEU B 218 10.78 -1.12 -10.59
CA LEU B 218 10.32 -2.46 -11.01
C LEU B 218 9.28 -2.44 -12.13
N SER B 219 8.41 -1.42 -12.12
CA SER B 219 7.45 -1.33 -13.21
C SER B 219 8.11 -1.05 -14.54
N ARG B 220 9.11 -0.17 -14.55
CA ARG B 220 9.87 0.12 -15.73
C ARG B 220 10.64 -1.14 -16.21
N LEU B 221 11.20 -1.89 -15.28
CA LEU B 221 12.01 -3.09 -15.62
C LEU B 221 11.11 -4.21 -16.23
N ILE B 222 10.00 -4.54 -15.58
CA ILE B 222 8.95 -5.40 -16.14
C ILE B 222 8.57 -5.00 -17.57
N ASP B 223 8.22 -3.73 -17.75
CA ASP B 223 7.93 -3.23 -19.07
C ASP B 223 9.06 -3.40 -20.10
N SER B 224 10.30 -3.17 -19.69
CA SER B 224 11.41 -3.35 -20.60
C SER B 224 11.55 -4.82 -21.09
N LYS B 225 10.98 -5.78 -20.36
CA LYS B 225 11.07 -7.22 -20.76
C LYS B 225 10.09 -7.56 -21.87
N ARG B 226 8.95 -6.89 -21.93
CA ARG B 226 7.95 -7.24 -22.86
C ARG B 226 8.47 -7.26 -24.28
N GLY B 227 8.15 -8.35 -24.98
CA GLY B 227 8.54 -8.59 -26.40
C GLY B 227 10.04 -8.80 -26.71
N GLN B 228 10.83 -9.17 -25.72
CA GLN B 228 12.29 -9.20 -25.93
C GLN B 228 12.80 -10.63 -25.93
N ASP B 229 11.90 -11.58 -25.68
CA ASP B 229 12.21 -13.03 -25.75
C ASP B 229 13.28 -13.48 -24.79
N GLY B 230 13.36 -12.77 -23.65
CA GLY B 230 14.36 -13.04 -22.64
C GLY B 230 14.10 -14.36 -21.97
N GLU B 231 15.17 -14.99 -21.48
CA GLU B 231 15.05 -16.33 -20.87
C GLU B 231 15.19 -16.32 -19.36
N ASP B 232 15.36 -15.12 -18.82
CA ASP B 232 15.42 -14.96 -17.32
C ASP B 232 14.10 -15.15 -16.65
N LEU B 233 14.17 -15.34 -15.32
CA LEU B 233 13.00 -15.55 -14.55
C LEU B 233 12.01 -14.40 -14.71
N LEU B 234 12.45 -13.15 -14.61
CA LEU B 234 11.48 -12.06 -14.74
C LEU B 234 10.86 -12.12 -16.10
N SER B 235 11.66 -12.35 -17.13
CA SER B 235 11.05 -12.44 -18.47
C SER B 235 9.98 -13.52 -18.57
N ALA B 236 10.18 -14.66 -17.92
CA ALA B 236 9.15 -15.70 -17.96
C ALA B 236 7.91 -15.32 -17.15
N LEU B 237 8.10 -14.70 -15.99
CA LEU B 237 6.94 -14.23 -15.23
C LEU B 237 6.19 -13.17 -15.99
N VAL B 238 6.88 -12.30 -16.73
CA VAL B 238 6.18 -11.27 -17.50
C VAL B 238 5.27 -11.98 -18.52
N ARG B 239 5.80 -12.99 -19.22
CA ARG B 239 4.99 -13.73 -20.17
C ARG B 239 3.82 -14.43 -19.48
N THR B 240 4.06 -15.02 -18.32
CA THR B 240 3.00 -15.62 -17.54
C THR B 240 1.85 -14.64 -17.27
N SER B 241 2.19 -13.48 -16.77
CA SER B 241 1.17 -12.51 -16.45
C SER B 241 0.50 -12.06 -17.75
N ASP B 242 1.29 -11.87 -18.82
CA ASP B 242 0.67 -11.35 -20.06
C ASP B 242 -0.24 -12.38 -20.68
N GLU B 243 0.12 -13.67 -20.52
CA GLU B 243 -0.68 -14.75 -21.15
C GLU B 243 -2.01 -14.95 -20.45
N ASP B 244 -2.02 -14.78 -19.14
CA ASP B 244 -3.28 -14.89 -18.41
C ASP B 244 -3.19 -14.04 -17.10
N GLY B 245 -3.76 -12.84 -17.16
CA GLY B 245 -3.78 -11.92 -16.04
C GLY B 245 -4.49 -12.47 -14.82
N SER B 246 -5.34 -13.48 -14.97
CA SER B 246 -5.94 -14.14 -13.83
C SER B 246 -4.95 -15.05 -13.10
N ARG B 247 -3.95 -15.58 -13.80
CA ARG B 247 -2.95 -16.45 -13.14
C ARG B 247 -1.95 -15.63 -12.32
N LEU B 248 -1.57 -14.51 -12.89
CA LEU B 248 -0.63 -13.60 -12.22
C LEU B 248 -1.02 -12.18 -12.65
N THR B 249 -1.70 -11.43 -11.77
CA THR B 249 -2.08 -10.00 -12.01
C THR B 249 -0.85 -9.09 -12.24
N SER B 250 -0.98 -8.00 -12.96
CA SER B 250 0.09 -7.00 -12.95
C SER B 250 0.57 -6.55 -11.56
N GLU B 251 -0.31 -6.33 -10.56
CA GLU B 251 0.22 -6.03 -9.21
C GLU B 251 0.97 -7.18 -8.53
N GLU B 252 0.48 -8.39 -8.72
CA GLU B 252 1.17 -9.58 -8.30
C GLU B 252 2.51 -9.86 -9.01
N LEU B 253 2.61 -9.48 -10.28
CA LEU B 253 3.83 -9.61 -11.06
C LEU B 253 4.92 -8.67 -10.47
N LEU B 254 4.57 -7.44 -10.19
CA LEU B 254 5.49 -6.56 -9.46
C LEU B 254 5.75 -7.12 -8.04
N GLY B 255 4.72 -7.60 -7.37
CA GLY B 255 4.87 -8.11 -5.99
C GLY B 255 5.86 -9.27 -5.94
N MET B 256 5.76 -10.15 -6.93
CA MET B 256 6.63 -11.28 -7.06
C MET B 256 8.06 -10.83 -7.31
N ALA B 257 8.29 -9.96 -8.28
CA ALA B 257 9.67 -9.45 -8.47
C ALA B 257 10.17 -8.83 -7.17
N HIS B 258 9.29 -8.07 -6.48
CA HIS B 258 9.70 -7.36 -5.25
C HIS B 258 10.14 -8.35 -4.18
N ILE B 259 9.31 -9.36 -3.98
CA ILE B 259 9.57 -10.27 -2.86
C ILE B 259 10.77 -11.17 -3.15
N LEU B 260 10.95 -11.60 -4.41
CA LEU B 260 12.10 -12.46 -4.78
C LEU B 260 13.40 -11.74 -4.63
N LEU B 261 13.41 -10.47 -5.00
CA LEU B 261 14.58 -9.63 -4.84
C LEU B 261 14.81 -9.14 -3.40
N VAL B 262 13.76 -8.75 -2.64
CA VAL B 262 14.08 -8.31 -1.26
C VAL B 262 14.20 -9.43 -0.22
N ALA B 263 13.37 -10.48 -0.34
CA ALA B 263 13.26 -11.50 0.72
C ALA B 263 14.59 -12.10 1.00
N GLY B 264 15.41 -12.17 -0.02
CA GLY B 264 16.60 -12.98 0.05
C GLY B 264 17.82 -12.14 0.05
N HIS B 265 17.64 -10.81 0.01
CA HIS B 265 18.78 -9.92 0.07
C HIS B 265 19.41 -9.76 1.45
N GLU B 266 18.78 -9.01 2.39
CA GLU B 266 19.43 -8.71 3.67
C GLU B 266 19.65 -10.00 4.45
N THR B 267 18.76 -10.98 4.25
CA THR B 267 18.86 -12.28 4.85
C THR B 267 20.18 -12.91 4.40
N THR B 268 20.37 -13.09 3.08
CA THR B 268 21.53 -13.90 2.67
C THR B 268 22.83 -13.16 3.01
N VAL B 269 22.84 -11.83 2.73
CA VAL B 269 23.97 -10.94 3.15
C VAL B 269 24.36 -11.17 4.62
N ASN B 270 23.37 -11.20 5.51
CA ASN B 270 23.67 -11.21 6.92
C ASN B 270 23.92 -12.63 7.46
N LEU B 271 23.44 -13.63 6.76
CA LEU B 271 23.85 -15.02 7.02
C LEU B 271 25.33 -15.16 6.77
N ILE B 272 25.79 -14.63 5.64
CA ILE B 272 27.19 -14.79 5.29
C ILE B 272 27.98 -13.99 6.31
N ALA B 273 27.52 -12.75 6.55
CA ALA B 273 28.24 -11.89 7.49
C ALA B 273 28.21 -12.50 8.88
N ASN B 274 27.02 -12.85 9.35
CA ASN B 274 26.93 -13.36 10.73
C ASN B 274 27.69 -14.71 10.92
N GLY B 275 27.75 -15.47 9.85
CA GLY B 275 28.37 -16.84 9.88
C GLY B 275 29.88 -16.77 9.96
N MET B 276 30.42 -15.86 9.16
CA MET B 276 31.84 -15.62 9.15
C MET B 276 32.29 -15.00 10.43
N TYR B 277 31.44 -14.16 11.03
CA TYR B 277 31.79 -13.62 12.34
C TYR B 277 31.83 -14.76 13.38
N ALA B 278 30.76 -15.56 13.46
CA ALA B 278 30.74 -16.70 14.40
C ALA B 278 31.95 -17.66 14.15
N LEU B 279 32.17 -18.04 12.90
CA LEU B 279 33.33 -18.88 12.57
C LEU B 279 34.67 -18.22 12.98
N LEU B 280 34.87 -16.96 12.59
CA LEU B 280 36.09 -16.23 12.94
C LEU B 280 36.30 -16.05 14.45
N SER B 281 35.23 -16.05 15.23
CA SER B 281 35.29 -15.68 16.67
C SER B 281 35.34 -16.93 17.56
N HIS B 282 35.39 -18.10 16.92
CA HIS B 282 35.44 -19.43 17.56
C HIS B 282 36.56 -20.26 16.93
N PRO B 283 37.76 -20.13 17.49
CA PRO B 283 38.93 -20.64 16.73
C PRO B 283 38.97 -22.19 16.63
N ASP B 284 38.36 -22.86 17.57
CA ASP B 284 38.35 -24.30 17.58
C ASP B 284 37.42 -24.85 16.50
N GLN B 285 36.39 -24.06 16.19
CA GLN B 285 35.39 -24.40 15.17
C GLN B 285 35.98 -24.05 13.81
N LEU B 286 36.62 -22.90 13.71
CA LEU B 286 37.37 -22.57 12.52
C LEU B 286 38.50 -23.61 12.24
N ALA B 287 39.26 -24.00 13.25
CA ALA B 287 40.28 -25.03 13.00
C ALA B 287 39.65 -26.38 12.55
N ALA B 288 38.55 -26.79 13.19
CA ALA B 288 37.81 -28.02 12.85
C ALA B 288 37.32 -28.07 11.40
N LEU B 289 36.72 -26.98 10.91
CA LEU B 289 36.26 -26.89 9.54
C LEU B 289 37.40 -26.85 8.55
N ARG B 290 38.47 -26.19 8.94
CA ARG B 290 39.68 -26.11 8.14
C ARG B 290 40.29 -27.48 7.91
N ALA B 291 40.38 -28.27 8.98
CA ALA B 291 40.93 -29.64 8.90
C ALA B 291 40.10 -30.56 8.00
N ASP B 292 38.78 -30.38 8.09
CA ASP B 292 37.82 -31.23 7.42
C ASP B 292 36.66 -30.44 6.80
N MET B 293 36.74 -30.27 5.49
CA MET B 293 35.74 -29.46 4.82
C MET B 293 34.43 -30.21 4.50
N THR B 294 34.35 -31.51 4.83
CA THR B 294 33.04 -32.16 4.73
C THR B 294 32.12 -31.64 5.83
N LEU B 295 32.72 -30.92 6.79
CA LEU B 295 31.93 -30.34 7.86
C LEU B 295 31.30 -29.02 7.39
N LEU B 296 31.47 -28.67 6.11
CA LEU B 296 30.95 -27.38 5.58
C LEU B 296 29.41 -27.30 5.71
N ASP B 297 28.70 -28.33 5.25
CA ASP B 297 27.21 -28.27 5.33
C ASP B 297 26.66 -28.07 6.76
N GLY B 298 27.06 -28.89 7.73
CA GLY B 298 26.71 -28.63 9.16
C GLY B 298 27.11 -27.27 9.77
N ALA B 299 28.26 -26.75 9.35
CA ALA B 299 28.76 -25.51 9.85
C ALA B 299 27.78 -24.37 9.45
N VAL B 300 27.36 -24.38 8.18
CA VAL B 300 26.37 -23.38 7.69
C VAL B 300 25.02 -23.53 8.37
N GLU B 301 24.58 -24.77 8.66
CA GLU B 301 23.34 -25.01 9.41
C GLU B 301 23.41 -24.42 10.85
N GLU B 302 24.56 -24.55 11.49
CA GLU B 302 24.78 -23.96 12.83
C GLU B 302 24.85 -22.44 12.76
N MET B 303 25.32 -21.92 11.61
CA MET B 303 25.32 -20.44 11.40
C MET B 303 23.90 -19.89 11.40
N LEU B 304 23.00 -20.59 10.68
CA LEU B 304 21.57 -20.27 10.67
C LEU B 304 20.94 -20.36 12.08
N ARG B 305 21.35 -21.40 12.82
CA ARG B 305 20.80 -21.71 14.16
C ARG B 305 21.34 -20.74 15.22
N TYR B 306 22.66 -20.51 15.18
CA TYR B 306 23.35 -19.75 16.24
C TYR B 306 23.04 -18.28 16.16
N GLU B 307 23.15 -17.74 14.95
CA GLU B 307 22.97 -16.32 14.70
C GLU B 307 22.54 -16.08 13.24
N GLY B 308 21.38 -16.61 12.86
CA GLY B 308 20.81 -16.33 11.55
C GLY B 308 20.40 -14.87 11.40
N PRO B 309 20.16 -14.45 10.14
CA PRO B 309 19.85 -13.10 9.75
C PRO B 309 18.44 -12.65 10.14
N VAL B 310 17.47 -13.58 10.18
CA VAL B 310 16.09 -13.24 10.55
C VAL B 310 15.95 -13.30 12.06
N GLU B 311 16.03 -12.15 12.70
CA GLU B 311 15.88 -12.10 14.16
C GLU B 311 14.43 -12.35 14.62
N SER B 312 13.47 -11.74 13.91
CA SER B 312 12.03 -12.00 14.07
C SER B 312 11.38 -12.18 12.72
N ALA B 313 10.50 -13.18 12.65
CA ALA B 313 9.77 -13.51 11.45
C ALA B 313 9.00 -12.27 11.00
N THR B 314 8.40 -12.32 9.81
CA THR B 314 7.61 -11.24 9.31
C THR B 314 6.23 -11.23 9.95
N TYR B 315 5.57 -10.07 9.85
CA TYR B 315 4.37 -9.76 10.64
C TYR B 315 3.29 -10.77 10.43
N ARG B 316 2.72 -11.16 11.58
CA ARG B 316 1.55 -12.00 11.67
C ARG B 316 0.36 -11.30 12.36
N PHE B 317 -0.86 -11.64 11.97
CA PHE B 317 -2.05 -10.89 12.46
C PHE B 317 -3.09 -11.87 12.95
N PRO B 318 -3.31 -11.93 14.26
CA PRO B 318 -4.40 -12.77 14.71
C PRO B 318 -5.72 -12.45 14.00
N VAL B 319 -6.36 -13.45 13.39
CA VAL B 319 -7.68 -13.24 12.76
C VAL B 319 -8.79 -13.09 13.83
N GLU B 320 -8.64 -13.76 14.95
CA GLU B 320 -9.53 -13.57 16.10
C GLU B 320 -8.65 -13.50 17.36
N PRO B 321 -9.17 -12.99 18.50
CA PRO B 321 -8.22 -12.90 19.59
C PRO B 321 -7.51 -14.26 19.91
N VAL B 322 -6.25 -14.20 20.32
CA VAL B 322 -5.47 -15.43 20.55
C VAL B 322 -4.91 -15.51 21.97
N ASP B 323 -5.24 -16.61 22.65
CA ASP B 323 -4.82 -16.79 24.03
C ASP B 323 -3.57 -17.65 24.09
N LEU B 324 -2.47 -17.08 24.59
CA LEU B 324 -1.23 -17.85 24.79
C LEU B 324 -0.88 -17.94 26.26
N ASP B 325 -1.04 -19.14 26.83
CA ASP B 325 -0.75 -19.38 28.25
C ASP B 325 -1.31 -18.30 29.16
N GLY B 326 -2.51 -17.79 28.87
CA GLY B 326 -3.18 -16.74 29.68
C GLY B 326 -2.99 -15.30 29.23
N THR B 327 -2.12 -15.07 28.22
CA THR B 327 -1.90 -13.73 27.66
C THR B 327 -2.68 -13.63 26.36
N VAL B 328 -3.54 -12.62 26.22
CA VAL B 328 -4.41 -12.58 25.03
C VAL B 328 -4.02 -11.48 24.05
N ILE B 329 -3.66 -11.88 22.83
CA ILE B 329 -3.35 -10.92 21.81
C ILE B 329 -4.62 -10.60 21.04
N PRO B 330 -4.97 -9.32 21.03
CA PRO B 330 -6.16 -8.84 20.33
C PRO B 330 -6.15 -9.24 18.84
N ALA B 331 -7.33 -9.43 18.27
CA ALA B 331 -7.47 -9.47 16.81
C ALA B 331 -6.80 -8.28 16.11
N GLY B 332 -6.02 -8.56 15.03
CA GLY B 332 -5.43 -7.57 14.10
C GLY B 332 -4.11 -6.89 14.52
N ASP B 333 -3.69 -7.19 15.75
CA ASP B 333 -2.46 -6.72 16.33
C ASP B 333 -1.24 -7.35 15.59
N THR B 334 -0.08 -6.71 15.63
CA THR B 334 1.12 -7.21 14.89
C THR B 334 1.91 -8.10 15.81
N VAL B 335 2.24 -9.31 15.34
CA VAL B 335 2.95 -10.30 16.13
C VAL B 335 4.27 -10.69 15.41
N LEU B 336 5.38 -10.57 16.13
CA LEU B 336 6.69 -10.98 15.64
C LEU B 336 7.12 -12.26 16.35
N VAL B 337 7.42 -13.29 15.59
CA VAL B 337 7.97 -14.50 16.24
C VAL B 337 9.48 -14.38 16.31
N VAL B 338 10.00 -14.36 17.53
CA VAL B 338 11.47 -14.18 17.78
C VAL B 338 12.31 -15.50 17.60
N LEU B 339 12.62 -15.75 16.32
CA LEU B 339 13.35 -16.96 15.89
C LEU B 339 14.64 -16.95 16.67
N ALA B 340 15.22 -15.79 16.91
CA ALA B 340 16.52 -15.75 17.61
C ALA B 340 16.46 -16.34 19.07
N ASP B 341 15.31 -16.19 19.72
CA ASP B 341 15.13 -16.76 21.05
C ASP B 341 14.80 -18.24 20.98
N ALA B 342 14.03 -18.63 19.96
CA ALA B 342 13.71 -20.03 19.78
C ALA B 342 15.06 -20.72 19.67
N HIS B 343 15.95 -20.13 18.90
CA HIS B 343 17.28 -20.76 18.72
C HIS B 343 18.16 -20.77 19.94
N ARG B 344 17.80 -19.96 20.93
CA ARG B 344 18.52 -20.06 22.20
C ARG B 344 17.73 -20.68 23.35
N THR B 345 16.64 -21.41 23.03
CA THR B 345 15.91 -22.22 24.03
C THR B 345 16.74 -23.47 24.35
N PRO B 346 17.24 -23.58 25.60
CA PRO B 346 18.17 -24.68 25.94
C PRO B 346 17.53 -26.08 25.91
N GLU B 347 16.23 -26.16 26.19
CA GLU B 347 15.43 -27.41 26.09
C GLU B 347 15.45 -28.00 24.70
N ARG B 348 15.54 -27.14 23.68
CA ARG B 348 15.56 -27.63 22.29
C ARG B 348 16.99 -27.69 21.69
N PHE B 349 17.85 -26.76 22.10
CA PHE B 349 19.25 -26.65 21.64
C PHE B 349 20.15 -26.58 22.90
N PRO B 350 20.63 -27.75 23.38
CA PRO B 350 21.40 -27.76 24.62
C PRO B 350 22.66 -26.90 24.50
N ASP B 351 23.05 -26.25 25.59
CA ASP B 351 24.17 -25.33 25.54
C ASP B 351 23.99 -24.36 24.37
N PRO B 352 22.81 -23.67 24.35
CA PRO B 352 22.37 -22.83 23.21
C PRO B 352 23.33 -21.73 22.82
N HIS B 353 24.18 -21.31 23.75
CA HIS B 353 25.08 -20.21 23.47
C HIS B 353 26.38 -20.63 22.79
N ARG B 354 26.66 -21.93 22.80
CA ARG B 354 27.79 -22.47 22.08
C ARG B 354 27.51 -22.51 20.58
N PHE B 355 28.49 -22.01 19.81
CA PHE B 355 28.56 -22.24 18.38
C PHE B 355 29.38 -23.54 18.12
N ASP B 356 28.65 -24.60 17.80
CA ASP B 356 29.17 -25.98 17.64
C ASP B 356 28.80 -26.52 16.24
N ILE B 357 29.72 -26.39 15.28
CA ILE B 357 29.50 -26.85 13.90
C ILE B 357 29.17 -28.37 13.77
N ARG B 358 29.35 -29.13 14.84
CA ARG B 358 28.90 -30.55 14.88
C ARG B 358 27.50 -30.77 15.46
N ARG B 359 26.84 -29.71 15.96
CA ARG B 359 25.58 -29.96 16.70
C ARG B 359 24.42 -30.37 15.80
N ASP B 360 23.43 -31.04 16.35
CA ASP B 360 22.21 -31.28 15.54
C ASP B 360 21.44 -29.97 15.48
N THR B 361 21.21 -29.53 14.24
CA THR B 361 20.52 -28.29 13.94
C THR B 361 19.08 -28.53 13.41
N ALA B 362 18.74 -29.79 13.09
CA ALA B 362 17.37 -30.13 12.61
C ALA B 362 16.24 -29.54 13.48
N GLY B 363 15.34 -28.80 12.86
CA GLY B 363 14.19 -28.17 13.56
C GLY B 363 14.43 -26.70 13.87
N HIS B 364 15.63 -26.24 13.57
CA HIS B 364 15.91 -24.80 13.59
C HIS B 364 14.87 -24.07 12.69
N LEU B 365 14.61 -22.81 13.03
CA LEU B 365 13.49 -22.04 12.45
C LEU B 365 13.98 -20.90 11.60
N ALA B 366 15.22 -21.00 11.12
CA ALA B 366 15.91 -19.88 10.46
C ALA B 366 15.31 -19.56 9.09
N PHE B 367 14.62 -20.55 8.48
CA PHE B 367 13.91 -20.35 7.19
C PHE B 367 12.40 -20.39 7.45
N GLY B 368 11.99 -20.25 8.73
CA GLY B 368 10.59 -20.36 9.13
C GLY B 368 10.10 -21.79 9.29
N HIS B 369 8.77 -21.96 9.19
CA HIS B 369 8.13 -23.26 9.39
C HIS B 369 6.68 -23.10 8.98
N GLY B 370 6.14 -24.03 8.21
CA GLY B 370 4.76 -23.93 7.84
C GLY B 370 4.68 -23.64 6.37
N ILE B 371 3.52 -23.20 5.93
CA ILE B 371 3.30 -22.90 4.52
C ILE B 371 4.24 -21.83 3.93
N HIS B 372 4.73 -20.92 4.80
CA HIS B 372 5.59 -19.81 4.36
C HIS B 372 7.10 -20.13 4.39
N PHE B 373 7.41 -21.39 4.73
CA PHE B 373 8.84 -21.82 4.77
C PHE B 373 9.67 -21.37 3.57
N CYS B 374 10.85 -20.80 3.85
CA CYS B 374 11.61 -20.08 2.83
C CYS B 374 11.71 -20.88 1.56
N ILE B 375 11.20 -20.34 0.45
CA ILE B 375 11.34 -21.03 -0.87
C ILE B 375 12.76 -20.86 -1.41
N GLY B 376 13.46 -19.85 -0.88
CA GLY B 376 14.80 -19.62 -1.30
C GLY B 376 15.85 -20.45 -0.57
N ALA B 377 15.47 -21.34 0.36
CA ALA B 377 16.50 -22.06 1.18
C ALA B 377 17.59 -22.80 0.39
N PRO B 378 17.23 -23.63 -0.63
CA PRO B 378 18.38 -24.25 -1.33
C PRO B 378 19.32 -23.26 -1.97
N LEU B 379 18.79 -22.15 -2.53
CA LEU B 379 19.66 -21.11 -3.07
C LEU B 379 20.49 -20.49 -1.96
N ALA B 380 19.86 -20.15 -0.81
CA ALA B 380 20.65 -19.48 0.26
C ALA B 380 21.76 -20.37 0.74
N ARG B 381 21.45 -21.67 0.90
CA ARG B 381 22.47 -22.65 1.31
C ARG B 381 23.64 -22.76 0.32
N LEU B 382 23.30 -22.80 -0.97
CA LEU B 382 24.27 -22.84 -2.04
C LEU B 382 25.22 -21.67 -1.91
N GLU B 383 24.67 -20.46 -1.88
CA GLU B 383 25.50 -19.28 -1.81
C GLU B 383 26.33 -19.26 -0.56
N ALA B 384 25.74 -19.52 0.61
CA ALA B 384 26.58 -19.50 1.84
C ALA B 384 27.72 -20.52 1.78
N ARG B 385 27.42 -21.75 1.36
CA ARG B 385 28.44 -22.88 1.43
C ARG B 385 29.64 -22.55 0.55
N ILE B 386 29.36 -22.01 -0.62
CA ILE B 386 30.38 -21.62 -1.60
C ILE B 386 31.18 -20.44 -1.05
N ALA B 387 30.49 -19.36 -0.61
CA ALA B 387 31.18 -18.22 0.03
C ALA B 387 32.12 -18.66 1.16
N VAL B 388 31.55 -19.44 2.08
CA VAL B 388 32.29 -19.92 3.23
C VAL B 388 33.51 -20.70 2.79
N ARG B 389 33.32 -21.61 1.83
CA ARG B 389 34.45 -22.45 1.36
C ARG B 389 35.58 -21.64 0.77
N ALA B 390 35.24 -20.79 -0.22
CA ALA B 390 36.18 -19.88 -0.87
C ALA B 390 36.97 -18.94 0.09
N LEU B 391 36.32 -18.38 1.12
CA LEU B 391 37.04 -17.59 2.15
C LEU B 391 38.13 -18.42 2.90
N LEU B 392 37.70 -19.58 3.40
CA LEU B 392 38.63 -20.55 3.98
C LEU B 392 39.76 -21.08 3.07
N GLU B 393 39.44 -21.39 1.78
CA GLU B 393 40.45 -21.89 0.80
C GLU B 393 41.30 -20.87 0.12
N ARG B 394 40.82 -19.61 0.02
CA ARG B 394 41.66 -18.56 -0.55
C ARG B 394 42.35 -17.58 0.38
N CYS B 395 41.95 -17.57 1.65
CA CYS B 395 42.56 -16.67 2.60
C CYS B 395 43.37 -17.37 3.62
N PRO B 396 44.71 -17.25 3.45
CA PRO B 396 45.62 -17.80 4.39
C PRO B 396 45.37 -16.96 5.62
N ASP B 397 45.06 -17.64 6.73
CA ASP B 397 45.09 -17.01 8.06
C ASP B 397 43.97 -15.96 8.14
N LEU B 398 42.82 -16.26 7.56
CA LEU B 398 41.69 -15.32 7.61
C LEU B 398 41.31 -15.06 9.06
N ALA B 399 41.31 -13.78 9.44
CA ALA B 399 41.06 -13.40 10.83
C ALA B 399 40.11 -12.17 10.94
N LEU B 400 39.48 -12.03 12.11
CA LEU B 400 38.77 -10.80 12.43
C LEU B 400 39.81 -9.72 12.57
N ASP B 401 39.52 -8.56 12.00
CA ASP B 401 40.46 -7.47 12.04
C ASP B 401 40.05 -6.44 13.10
N VAL B 402 39.23 -6.85 14.06
CA VAL B 402 38.80 -5.98 15.14
C VAL B 402 38.46 -6.92 16.29
N SER B 403 38.41 -6.41 17.53
CA SER B 403 37.92 -7.25 18.63
C SER B 403 36.38 -7.33 18.58
N PRO B 404 35.80 -8.46 19.07
CA PRO B 404 34.33 -8.64 18.95
C PRO B 404 33.53 -7.50 19.60
N GLY B 405 34.10 -6.94 20.67
CA GLY B 405 33.65 -5.70 21.30
C GLY B 405 33.36 -4.52 20.39
N GLU B 406 34.21 -4.23 19.40
CA GLU B 406 34.05 -3.02 18.54
C GLU B 406 33.14 -3.20 17.30
N LEU B 407 32.45 -4.32 17.21
CA LEU B 407 31.54 -4.54 16.10
C LEU B 407 30.24 -3.83 16.39
N VAL B 408 29.66 -3.16 15.40
CA VAL B 408 28.37 -2.56 15.69
C VAL B 408 27.26 -3.30 14.95
N TRP B 409 26.20 -3.57 15.69
CA TRP B 409 25.01 -4.21 15.17
C TRP B 409 23.93 -3.16 15.13
N TYR B 410 23.08 -3.28 14.11
CA TYR B 410 21.97 -2.43 13.87
C TYR B 410 20.82 -2.79 14.80
N PRO B 411 19.94 -1.79 15.04
CA PRO B 411 18.63 -1.84 15.74
C PRO B 411 17.67 -2.95 15.27
N ASN B 412 17.12 -2.83 14.06
CA ASN B 412 15.87 -3.48 13.66
C ASN B 412 15.73 -4.94 14.00
N PRO B 413 15.02 -5.25 15.13
CA PRO B 413 14.67 -6.58 15.74
C PRO B 413 14.13 -7.62 14.77
N MET B 414 13.96 -7.22 13.52
CA MET B 414 13.66 -8.15 12.43
C MET B 414 14.92 -8.77 11.78
N ILE B 415 15.93 -7.93 11.51
CA ILE B 415 17.20 -8.45 10.97
C ILE B 415 18.33 -8.24 11.95
N ARG B 416 19.13 -9.30 12.10
CA ARG B 416 20.27 -9.38 12.96
C ARG B 416 21.45 -9.09 12.05
N GLY B 417 21.98 -7.88 12.10
CA GLY B 417 22.98 -7.51 11.11
C GLY B 417 24.05 -6.57 11.57
N LEU B 418 25.27 -6.84 11.10
CA LEU B 418 26.42 -5.98 11.33
C LEU B 418 26.51 -4.80 10.35
N LYS B 419 26.98 -3.67 10.89
CA LYS B 419 27.25 -2.47 10.09
C LYS B 419 28.52 -2.67 9.24
N ALA B 420 29.45 -3.50 9.74
CA ALA B 420 30.76 -3.76 9.10
C ALA B 420 31.37 -5.03 9.69
N LEU B 421 32.15 -5.75 8.90
CA LEU B 421 32.89 -6.91 9.39
C LEU B 421 34.33 -6.82 8.87
N PRO B 422 35.15 -6.02 9.55
CA PRO B 422 36.58 -5.92 9.22
C PRO B 422 37.27 -7.26 9.29
N ILE B 423 37.94 -7.63 8.22
CA ILE B 423 38.77 -8.85 8.21
C ILE B 423 40.20 -8.57 7.75
N ARG B 424 41.05 -9.58 7.89
CA ARG B 424 42.43 -9.52 7.38
C ARG B 424 42.91 -10.95 7.02
N TRP B 425 43.91 -11.06 6.16
CA TRP B 425 44.51 -12.34 5.78
C TRP B 425 46.05 -12.13 5.68
N ARG B 426 46.81 -13.19 5.39
CA ARG B 426 48.30 -13.05 5.34
C ARG B 426 48.83 -12.31 4.10
#